data_5VHD
#
_entry.id   5VHD
#
_cell.length_a   62.030
_cell.length_b   112.500
_cell.length_c   63.180
_cell.angle_alpha   90.00
_cell.angle_beta   110.33
_cell.angle_gamma   90.00
#
_symmetry.space_group_name_H-M   'P 1 21 1'
#
loop_
_entity.id
_entity.type
_entity.pdbx_description
1 polymer 'DEAH (Asp-Glu-Ala-His) box polypeptide 36'
2 non-polymer "ADENOSINE-5'-DIPHOSPHATE"
3 non-polymer 'TETRAFLUOROALUMINATE ION'
4 water water
#
_entity_poly.entity_id   1
_entity_poly.type   'polypeptide(L)'
_entity_poly.pdbx_seq_one_letter_code
;MINQEKRPFRIRDKYIDRDSEYLLQENEPDATLDQQLLEDLQKKKTDLRYIEMQRFREKLPSYGMQKELVNMIDNHQVTV
ISGETGCGKTTQVTQFILDNYIERGKGSACRIVCTQPRRISAISVAERVAAERAESCGNGNSTGYQIRLQSRLPRKQGSI
LYCTTGIILQWLQSDPHLSSVSHIVLDEIHERNLQSDVLMTVVKDLLSYRPDLKVVLMSATLNAEKFSEYFGNCPMIHIP
GFTFPVVEYLLEDIIEKIRYVPEQKEHRSQFKKGFMQGHVNRQEKYYYEAIYKERWPGYLRELRQRYSASTVDVVEMMDD
EKVDLNLIAALIRYIVLEEEDGAILVFLPGWDNISTLHDLLMSQVMFKSDKFIIIPLHSLMPTVNQTQVFKRTPPGVRKI
VIATNIAETSITIDDVVYVIDGGKIKETHFDTQNNISTMSAEWVSKANAKQRKGRAGRVQPGHCYHLYNSLRASLLDDYQ
LPEILRTPLEELCLQIKILRLGGIAHFLSRLMDPPSNEAVLLSIKHLMELNALDKQEELTPLGVHLARLPVEPHIGKMIL
FGALFCCLDPVLTIAASLSFKDPFVIPLGKEKVADARRKELAKDTKSDHLTVVNAFKGWEKAKQRGFRYEKDYCWEYFLS
SNTLQMLHNMKGQFAEHLLGAGFVSSRNPQDPESNINSDNEKIIKAVICAGLYPKVAKIRLNLGKKRKMVKVYTKTDGVV
AIHPKSVNVEQTEFNYNWLIYHLKMRTSSIYLYDCTEVSPYCLLFFGGDISIQKDNDQETIAVDEWIIFQSPARIAHLVK
ELRKELDILLQEKIESPHPVDWKDTKSRDCAVLSAIIDLIKTQEKATPRNLPPRFQDGYYSPHHHHHHHH
;
_entity_poly.pdbx_strand_id   D
#
loop_
_chem_comp.id
_chem_comp.type
_chem_comp.name
_chem_comp.formula
ADP non-polymer ADENOSINE-5'-DIPHOSPHATE 'C10 H15 N5 O10 P2'
ALF non-polymer 'TETRAFLUOROALUMINATE ION' 'Al F4 -1'
#
# COMPACT_ATOMS: atom_id res chain seq x y z
N ARG A 18 -10.39 19.40 1.57
CA ARG A 18 -9.56 18.65 0.63
C ARG A 18 -10.43 17.71 -0.20
N ASP A 19 -10.38 16.41 0.14
CA ASP A 19 -11.21 15.40 -0.52
C ASP A 19 -12.52 15.15 0.20
N SER A 20 -13.10 16.18 0.83
CA SER A 20 -14.28 16.03 1.67
C SER A 20 -15.45 16.83 1.12
N GLU A 21 -15.52 17.02 -0.19
CA GLU A 21 -16.61 17.81 -0.77
C GLU A 21 -17.95 17.09 -0.60
N TYR A 22 -17.98 15.78 -0.85
CA TYR A 22 -19.22 15.03 -0.69
C TYR A 22 -19.62 14.95 0.78
N LEU A 23 -18.65 14.83 1.67
CA LEU A 23 -18.94 14.68 3.09
C LEU A 23 -19.59 15.94 3.66
N LEU A 24 -19.01 17.10 3.39
CA LEU A 24 -19.46 18.34 4.02
C LEU A 24 -20.67 18.95 3.33
N GLN A 25 -21.34 18.21 2.45
CA GLN A 25 -22.67 18.61 2.02
C GLN A 25 -23.68 18.25 3.10
N GLU A 26 -24.80 18.95 3.10
CA GLU A 26 -25.86 18.68 4.07
C GLU A 26 -26.89 17.74 3.46
N ASN A 27 -27.21 16.67 4.19
CA ASN A 27 -28.24 15.73 3.76
C ASN A 27 -29.59 16.41 3.91
N GLU A 28 -30.15 16.91 2.80
CA GLU A 28 -31.40 17.67 2.80
C GLU A 28 -32.39 16.99 1.85
N PRO A 29 -33.08 15.96 2.33
CA PRO A 29 -34.09 15.31 1.48
C PRO A 29 -35.31 16.19 1.31
N ASP A 30 -35.93 16.11 0.13
CA ASP A 30 -37.15 16.87 -0.12
C ASP A 30 -38.04 16.08 -1.08
N ALA A 31 -39.34 16.34 -1.00
CA ALA A 31 -40.32 15.54 -1.73
C ALA A 31 -40.27 15.83 -3.23
N THR A 32 -39.96 17.07 -3.63
CA THR A 32 -39.89 17.38 -5.05
C THR A 32 -38.77 16.62 -5.74
N LEU A 33 -37.61 16.50 -5.08
CA LEU A 33 -36.52 15.71 -5.63
C LEU A 33 -36.83 14.21 -5.53
N ASP A 34 -37.62 13.81 -4.54
CA ASP A 34 -38.11 12.43 -4.50
C ASP A 34 -38.93 12.10 -5.74
N GLN A 35 -39.74 13.05 -6.19
CA GLN A 35 -40.59 12.82 -7.36
C GLN A 35 -39.76 12.78 -8.64
N GLN A 36 -38.73 13.63 -8.73
CA GLN A 36 -37.87 13.63 -9.92
C GLN A 36 -37.11 12.32 -10.03
N LEU A 37 -36.59 11.80 -8.92
CA LEU A 37 -35.90 10.52 -8.96
C LEU A 37 -36.86 9.40 -9.30
N LEU A 38 -38.10 9.47 -8.81
CA LEU A 38 -39.09 8.44 -9.13
C LEU A 38 -39.46 8.47 -10.60
N GLU A 39 -39.61 9.67 -11.18
CA GLU A 39 -39.94 9.77 -12.60
C GLU A 39 -38.76 9.35 -13.46
N ASP A 40 -37.54 9.73 -13.06
CA ASP A 40 -36.35 9.33 -13.82
C ASP A 40 -36.19 7.80 -13.82
N LEU A 41 -36.48 7.17 -12.68
CA LEU A 41 -36.40 5.71 -12.62
C LEU A 41 -37.41 5.06 -13.56
N GLN A 42 -38.63 5.61 -13.61
CA GLN A 42 -39.63 5.09 -14.54
C GLN A 42 -39.23 5.36 -15.99
N LYS A 43 -38.55 6.47 -16.25
CA LYS A 43 -38.07 6.74 -17.60
C LYS A 43 -36.95 5.78 -17.99
N LYS A 44 -36.10 5.43 -17.03
CA LYS A 44 -35.03 4.46 -17.29
C LYS A 44 -35.60 3.14 -17.79
N LYS A 45 -36.74 2.72 -17.22
CA LYS A 45 -37.33 1.43 -17.57
C LYS A 45 -37.83 1.38 -19.01
N THR A 46 -37.76 2.47 -19.77
CA THR A 46 -38.05 2.47 -21.19
C THR A 46 -36.81 2.69 -22.05
N ASP A 47 -35.63 2.78 -21.43
CA ASP A 47 -34.39 2.98 -22.17
C ASP A 47 -33.76 1.62 -22.48
N LEU A 48 -33.42 1.41 -23.76
CA LEU A 48 -32.95 0.10 -24.20
C LEU A 48 -31.67 -0.30 -23.47
N ARG A 49 -30.73 0.63 -23.33
CA ARG A 49 -29.48 0.32 -22.66
C ARG A 49 -29.71 -0.04 -21.20
N TYR A 50 -30.58 0.71 -20.52
CA TYR A 50 -30.94 0.35 -19.15
C TYR A 50 -31.61 -1.03 -19.09
N ILE A 51 -32.52 -1.30 -20.04
CA ILE A 51 -33.23 -2.57 -20.05
C ILE A 51 -32.26 -3.73 -20.22
N GLU A 52 -31.30 -3.60 -21.14
CA GLU A 52 -30.35 -4.67 -21.39
C GLU A 52 -29.46 -4.92 -20.17
N MET A 53 -29.08 -3.86 -19.46
CA MET A 53 -28.32 -4.03 -18.23
C MET A 53 -29.11 -4.78 -17.18
N GLN A 54 -30.42 -4.51 -17.09
CA GLN A 54 -31.24 -5.20 -16.09
C GLN A 54 -31.32 -6.70 -16.36
N ARG A 55 -31.29 -7.10 -17.63
CA ARG A 55 -31.24 -8.52 -17.95
C ARG A 55 -30.03 -9.19 -17.30
N PHE A 56 -28.88 -8.52 -17.33
CA PHE A 56 -27.68 -9.06 -16.70
C PHE A 56 -27.82 -9.07 -15.18
N ARG A 57 -28.38 -8.00 -14.61
CA ARG A 57 -28.51 -7.90 -13.15
C ARG A 57 -29.42 -9.00 -12.61
N GLU A 58 -30.50 -9.32 -13.32
CA GLU A 58 -31.45 -10.33 -12.86
C GLU A 58 -30.83 -11.72 -12.77
N LYS A 59 -29.68 -11.94 -13.38
CA LYS A 59 -29.01 -13.22 -13.35
C LYS A 59 -28.15 -13.43 -12.09
N LEU A 60 -27.90 -12.36 -11.33
CA LEU A 60 -27.01 -12.44 -10.18
C LEU A 60 -27.74 -13.06 -8.99
N PRO A 61 -27.04 -13.86 -8.17
CA PRO A 61 -27.70 -14.40 -6.96
C PRO A 61 -28.19 -13.32 -6.02
N SER A 62 -27.53 -12.16 -5.99
CA SER A 62 -27.98 -11.09 -5.12
C SER A 62 -29.34 -10.54 -5.54
N TYR A 63 -29.66 -10.60 -6.84
CA TYR A 63 -30.93 -10.05 -7.30
C TYR A 63 -32.11 -10.79 -6.69
N GLY A 64 -31.98 -12.11 -6.49
CA GLY A 64 -33.05 -12.86 -5.87
C GLY A 64 -33.28 -12.47 -4.42
N MET A 65 -32.25 -11.95 -3.76
CA MET A 65 -32.32 -11.54 -2.36
C MET A 65 -32.67 -10.07 -2.19
N GLN A 66 -33.09 -9.40 -3.26
CA GLN A 66 -33.25 -7.95 -3.23
C GLN A 66 -34.21 -7.52 -2.12
N LYS A 67 -35.38 -8.15 -2.05
CA LYS A 67 -36.36 -7.78 -1.03
C LYS A 67 -35.87 -8.16 0.36
N GLU A 68 -35.22 -9.32 0.49
CA GLU A 68 -34.76 -9.77 1.80
C GLU A 68 -33.61 -8.90 2.31
N LEU A 69 -32.69 -8.52 1.43
CA LEU A 69 -31.57 -7.68 1.83
C LEU A 69 -32.05 -6.30 2.26
N VAL A 70 -32.92 -5.68 1.47
CA VAL A 70 -33.41 -4.34 1.77
C VAL A 70 -34.20 -4.34 3.07
N ASN A 71 -35.05 -5.35 3.27
CA ASN A 71 -35.89 -5.39 4.46
C ASN A 71 -35.05 -5.54 5.72
N MET A 72 -33.93 -6.26 5.65
CA MET A 72 -33.09 -6.45 6.82
C MET A 72 -32.29 -5.19 7.14
N ILE A 73 -31.70 -4.57 6.11
CA ILE A 73 -30.99 -3.30 6.33
C ILE A 73 -31.95 -2.24 6.86
N ASP A 74 -33.21 -2.29 6.45
CA ASP A 74 -34.18 -1.29 6.86
C ASP A 74 -34.63 -1.48 8.30
N ASN A 75 -34.53 -2.69 8.84
CA ASN A 75 -35.00 -2.99 10.19
C ASN A 75 -33.90 -3.02 11.23
N HIS A 76 -32.63 -2.91 10.82
CA HIS A 76 -31.52 -3.04 11.75
C HIS A 76 -30.44 -2.02 11.40
N GLN A 77 -29.77 -1.53 12.44
CA GLN A 77 -28.73 -0.53 12.23
C GLN A 77 -27.47 -1.14 11.61
N VAL A 78 -27.08 -2.33 12.07
CA VAL A 78 -25.88 -3.01 11.59
C VAL A 78 -26.28 -4.34 10.99
N THR A 79 -25.74 -4.64 9.81
CA THR A 79 -26.08 -5.86 9.08
C THR A 79 -24.80 -6.46 8.51
N VAL A 80 -24.65 -7.78 8.65
CA VAL A 80 -23.53 -8.51 8.07
C VAL A 80 -24.07 -9.32 6.89
N ILE A 81 -23.50 -9.07 5.71
CA ILE A 81 -23.93 -9.73 4.48
C ILE A 81 -22.79 -10.60 3.98
N SER A 82 -23.07 -11.89 3.82
CA SER A 82 -22.13 -12.83 3.23
C SER A 82 -22.70 -13.38 1.93
N GLY A 83 -21.82 -13.79 1.03
CA GLY A 83 -22.23 -14.34 -0.23
C GLY A 83 -21.04 -14.85 -1.00
N GLU A 84 -21.30 -15.73 -1.97
CA GLU A 84 -20.23 -16.29 -2.76
C GLU A 84 -19.53 -15.20 -3.58
N THR A 85 -18.31 -15.51 -4.03
CA THR A 85 -17.57 -14.58 -4.85
C THR A 85 -18.34 -14.29 -6.14
N GLY A 86 -18.44 -13.00 -6.48
CA GLY A 86 -19.18 -12.62 -7.66
C GLY A 86 -20.68 -12.74 -7.56
N CYS A 87 -21.23 -12.93 -6.36
CA CYS A 87 -22.68 -13.01 -6.21
C CYS A 87 -23.36 -11.67 -6.46
N GLY A 88 -22.66 -10.56 -6.28
CA GLY A 88 -23.19 -9.24 -6.63
C GLY A 88 -23.20 -8.22 -5.51
N LYS A 89 -22.66 -8.52 -4.33
CA LYS A 89 -22.80 -7.61 -3.19
C LYS A 89 -22.32 -6.19 -3.51
N THR A 90 -21.09 -6.07 -4.00
CA THR A 90 -20.45 -4.77 -4.11
C THR A 90 -21.22 -3.83 -5.05
N THR A 91 -21.67 -4.35 -6.18
CA THR A 91 -22.31 -3.51 -7.18
C THR A 91 -23.82 -3.44 -7.06
N GLN A 92 -24.45 -4.38 -6.34
CA GLN A 92 -25.90 -4.44 -6.30
C GLN A 92 -26.51 -3.93 -4.99
N VAL A 93 -25.89 -4.21 -3.84
CA VAL A 93 -26.49 -3.85 -2.56
C VAL A 93 -26.68 -2.34 -2.46
N THR A 94 -25.69 -1.56 -2.88
CA THR A 94 -25.85 -0.12 -2.91
C THR A 94 -27.04 0.29 -3.78
N GLN A 95 -27.19 -0.34 -4.94
CA GLN A 95 -28.31 -0.04 -5.82
C GLN A 95 -29.64 -0.47 -5.21
N PHE A 96 -29.65 -1.58 -4.47
CA PHE A 96 -30.90 -2.04 -3.86
C PHE A 96 -31.40 -1.05 -2.83
N ILE A 97 -30.49 -0.46 -2.06
CA ILE A 97 -30.88 0.54 -1.06
C ILE A 97 -31.42 1.78 -1.75
N LEU A 98 -30.69 2.29 -2.74
CA LEU A 98 -31.10 3.51 -3.43
C LEU A 98 -32.42 3.30 -4.18
N ASP A 99 -32.51 2.25 -4.98
CA ASP A 99 -33.70 2.04 -5.80
C ASP A 99 -34.92 1.74 -4.95
N ASN A 100 -34.74 1.10 -3.79
CA ASN A 100 -35.87 0.88 -2.89
C ASN A 100 -36.39 2.21 -2.34
N TYR A 101 -35.48 3.11 -1.96
CA TYR A 101 -35.90 4.42 -1.49
C TYR A 101 -36.59 5.21 -2.60
N ILE A 102 -36.04 5.16 -3.82
CA ILE A 102 -36.64 5.89 -4.94
C ILE A 102 -38.05 5.39 -5.21
N GLU A 103 -38.24 4.07 -5.19
CA GLU A 103 -39.56 3.50 -5.45
C GLU A 103 -40.55 3.79 -4.33
N ARG A 104 -40.08 4.04 -3.10
CA ARG A 104 -40.94 4.40 -2.00
C ARG A 104 -41.22 5.88 -1.92
N GLY A 105 -40.72 6.68 -2.86
CA GLY A 105 -40.93 8.11 -2.84
C GLY A 105 -40.07 8.88 -1.86
N LYS A 106 -38.95 8.30 -1.43
CA LYS A 106 -38.05 8.91 -0.47
C LYS A 106 -36.60 8.78 -0.92
N GLY A 107 -36.37 8.87 -2.22
CA GLY A 107 -35.04 8.62 -2.77
C GLY A 107 -34.01 9.67 -2.37
N SER A 108 -34.44 10.91 -2.20
CA SER A 108 -33.51 11.99 -1.88
C SER A 108 -32.86 11.82 -0.51
N ALA A 109 -33.44 10.97 0.35
CA ALA A 109 -32.86 10.73 1.67
C ALA A 109 -31.67 9.77 1.63
N CYS A 110 -31.25 9.33 0.45
CA CYS A 110 -30.19 8.35 0.31
C CYS A 110 -28.87 9.04 0.02
N ARG A 111 -27.88 8.82 0.89
CA ARG A 111 -26.49 9.23 0.68
C ARG A 111 -25.65 8.02 1.09
N ILE A 112 -25.44 7.11 0.14
CA ILE A 112 -24.83 5.81 0.40
C ILE A 112 -23.34 5.89 0.09
N VAL A 113 -22.51 5.52 1.06
CA VAL A 113 -21.06 5.48 0.90
C VAL A 113 -20.60 4.04 1.10
N CYS A 114 -19.84 3.53 0.14
CA CYS A 114 -19.34 2.17 0.16
C CYS A 114 -17.81 2.21 0.09
N THR A 115 -17.15 1.56 1.05
CA THR A 115 -15.71 1.55 1.12
C THR A 115 -15.12 0.37 0.35
N GLN A 116 -14.03 0.61 -0.36
CA GLN A 116 -13.25 -0.42 -1.02
C GLN A 116 -11.83 -0.40 -0.48
N PRO A 117 -11.17 -1.56 -0.40
CA PRO A 117 -9.81 -1.59 0.15
C PRO A 117 -8.77 -0.94 -0.73
N ARG A 118 -9.02 -0.80 -2.03
CA ARG A 118 -8.03 -0.30 -2.96
C ARG A 118 -8.66 0.68 -3.94
N ARG A 119 -7.81 1.54 -4.50
CA ARG A 119 -8.30 2.58 -5.40
C ARG A 119 -8.81 2.00 -6.72
N ILE A 120 -8.18 0.92 -7.20
CA ILE A 120 -8.64 0.30 -8.44
C ILE A 120 -10.03 -0.29 -8.25
N SER A 121 -10.35 -0.75 -7.03
CA SER A 121 -11.69 -1.27 -6.77
C SER A 121 -12.73 -0.16 -6.79
N ALA A 122 -12.46 0.95 -6.09
CA ALA A 122 -13.42 2.04 -6.02
C ALA A 122 -13.71 2.62 -7.39
N ILE A 123 -12.69 2.75 -8.23
CA ILE A 123 -12.88 3.32 -9.56
C ILE A 123 -13.71 2.39 -10.43
N SER A 124 -13.30 1.12 -10.53
CA SER A 124 -13.94 0.21 -11.48
C SER A 124 -15.36 -0.14 -11.05
N VAL A 125 -15.59 -0.30 -9.74
CA VAL A 125 -16.94 -0.61 -9.27
C VAL A 125 -17.87 0.57 -9.53
N ALA A 126 -17.41 1.79 -9.29
CA ALA A 126 -18.24 2.96 -9.54
C ALA A 126 -18.55 3.10 -11.03
N GLU A 127 -17.56 2.87 -11.89
CA GLU A 127 -17.80 2.90 -13.33
C GLU A 127 -18.80 1.82 -13.74
N ARG A 128 -18.69 0.64 -13.12
CA ARG A 128 -19.59 -0.45 -13.48
C ARG A 128 -21.02 -0.17 -13.04
N VAL A 129 -21.19 0.31 -11.80
CA VAL A 129 -22.53 0.62 -11.30
C VAL A 129 -23.17 1.72 -12.14
N ALA A 130 -22.39 2.77 -12.45
CA ALA A 130 -22.89 3.84 -13.30
C ALA A 130 -23.37 3.29 -14.64
N ALA A 131 -22.62 2.37 -15.23
CA ALA A 131 -23.01 1.79 -16.51
C ALA A 131 -24.26 0.94 -16.39
N GLU A 132 -24.38 0.18 -15.29
CA GLU A 132 -25.59 -0.61 -15.06
C GLU A 132 -26.82 0.26 -14.92
N ARG A 133 -26.65 1.54 -14.58
CA ARG A 133 -27.75 2.49 -14.47
C ARG A 133 -27.86 3.39 -15.69
N ALA A 134 -27.19 3.03 -16.80
CA ALA A 134 -27.24 3.79 -18.05
C ALA A 134 -26.81 5.24 -17.84
N GLU A 135 -25.79 5.43 -17.00
CA GLU A 135 -25.25 6.75 -16.71
C GLU A 135 -23.74 6.72 -16.81
N SER A 136 -23.15 7.89 -16.98
CA SER A 136 -21.71 8.03 -16.82
C SER A 136 -21.37 8.15 -15.33
N CYS A 137 -20.14 7.79 -15.00
CA CYS A 137 -19.69 7.86 -13.62
C CYS A 137 -19.44 9.31 -13.23
N GLY A 138 -19.98 9.71 -12.08
CA GLY A 138 -19.84 11.08 -11.62
C GLY A 138 -20.76 12.03 -12.36
N ASN A 139 -20.26 13.25 -12.63
CA ASN A 139 -20.98 14.24 -13.44
C ASN A 139 -22.36 14.58 -12.85
N GLY A 140 -22.48 14.53 -11.53
CA GLY A 140 -23.77 14.82 -10.93
C GLY A 140 -24.85 13.80 -11.20
N ASN A 141 -24.47 12.58 -11.61
CA ASN A 141 -25.42 11.50 -11.79
C ASN A 141 -25.63 10.81 -10.44
N SER A 142 -26.11 9.56 -10.45
CA SER A 142 -26.44 8.86 -9.21
C SER A 142 -25.23 8.20 -8.56
N THR A 143 -24.20 7.85 -9.32
CA THR A 143 -23.09 7.07 -8.80
C THR A 143 -21.76 7.74 -9.14
N GLY A 144 -20.84 7.71 -8.19
CA GLY A 144 -19.51 8.23 -8.41
C GLY A 144 -18.54 7.62 -7.43
N TYR A 145 -17.29 8.09 -7.50
CA TYR A 145 -16.26 7.60 -6.60
C TYR A 145 -15.41 8.77 -6.10
N GLN A 146 -14.66 8.50 -5.03
CA GLN A 146 -13.75 9.47 -4.43
C GLN A 146 -12.52 8.73 -3.93
N ILE A 147 -11.35 9.13 -4.42
CA ILE A 147 -10.08 8.65 -3.92
C ILE A 147 -9.16 9.86 -3.70
N ARG A 148 -7.93 9.59 -3.29
CA ARG A 148 -6.98 10.66 -3.00
C ARG A 148 -6.71 11.48 -4.25
N LEU A 149 -7.08 12.77 -4.19
CA LEU A 149 -6.82 13.75 -5.25
C LEU A 149 -7.50 13.40 -6.57
N GLN A 150 -8.50 12.52 -6.56
CA GLN A 150 -9.25 12.21 -7.77
C GLN A 150 -10.67 11.80 -7.38
N SER A 151 -11.65 12.36 -8.08
CA SER A 151 -13.04 12.07 -7.77
C SER A 151 -13.90 12.28 -9.01
N ARG A 152 -14.97 11.49 -9.08
CA ARG A 152 -16.09 11.74 -10.01
C ARG A 152 -17.32 11.81 -9.12
N LEU A 153 -17.75 13.03 -8.78
CA LEU A 153 -18.74 13.05 -7.71
C LEU A 153 -20.16 12.97 -8.27
N PRO A 154 -21.03 12.20 -7.62
CA PRO A 154 -22.43 12.12 -8.06
C PRO A 154 -23.25 13.28 -7.53
N ARG A 155 -24.56 13.24 -7.74
CA ARG A 155 -25.44 14.30 -7.27
C ARG A 155 -25.50 14.32 -5.76
N LYS A 156 -26.10 15.39 -5.23
CA LYS A 156 -26.14 15.60 -3.78
C LYS A 156 -27.01 14.56 -3.10
N GLN A 157 -28.30 14.51 -3.44
CA GLN A 157 -29.24 13.60 -2.79
C GLN A 157 -29.54 12.42 -3.69
N GLY A 158 -29.84 11.28 -3.07
CA GLY A 158 -30.12 10.05 -3.79
C GLY A 158 -28.94 9.58 -4.62
N SER A 159 -27.82 9.31 -3.96
CA SER A 159 -26.57 9.04 -4.67
C SER A 159 -25.80 7.93 -3.97
N ILE A 160 -24.86 7.35 -4.72
CA ILE A 160 -23.97 6.30 -4.23
C ILE A 160 -22.54 6.76 -4.49
N LEU A 161 -21.70 6.68 -3.46
CA LEU A 161 -20.30 7.05 -3.55
C LEU A 161 -19.43 5.89 -3.10
N TYR A 162 -18.59 5.40 -3.99
CA TYR A 162 -17.56 4.43 -3.63
C TYR A 162 -16.27 5.15 -3.31
N CYS A 163 -15.56 4.67 -2.29
CA CYS A 163 -14.31 5.30 -1.90
C CYS A 163 -13.42 4.28 -1.20
N THR A 164 -12.21 4.70 -0.91
CA THR A 164 -11.27 3.89 -0.15
C THR A 164 -11.46 4.13 1.34
N THR A 165 -10.99 3.17 2.15
CA THR A 165 -11.09 3.31 3.59
C THR A 165 -10.24 4.47 4.09
N GLY A 166 -9.15 4.78 3.39
CA GLY A 166 -8.37 5.96 3.74
C GLY A 166 -9.13 7.25 3.57
N ILE A 167 -10.07 7.29 2.61
CA ILE A 167 -10.90 8.47 2.43
C ILE A 167 -11.83 8.66 3.61
N ILE A 168 -12.44 7.58 4.10
CA ILE A 168 -13.35 7.68 5.24
C ILE A 168 -12.58 8.10 6.49
N LEU A 169 -11.36 7.59 6.66
CA LEU A 169 -10.54 8.02 7.79
C LEU A 169 -10.21 9.50 7.71
N GLN A 170 -9.93 10.00 6.50
CA GLN A 170 -9.69 11.43 6.34
C GLN A 170 -10.95 12.23 6.63
N TRP A 171 -12.11 11.70 6.23
CA TRP A 171 -13.37 12.37 6.52
C TRP A 171 -13.58 12.55 8.01
N LEU A 172 -13.20 11.55 8.81
CA LEU A 172 -13.41 11.61 10.25
C LEU A 172 -12.65 12.77 10.89
N GLN A 173 -11.64 13.31 10.22
CA GLN A 173 -10.98 14.50 10.72
C GLN A 173 -11.81 15.75 10.49
N SER A 174 -12.64 15.77 9.45
CA SER A 174 -13.51 16.89 9.16
C SER A 174 -14.88 16.77 9.82
N ASP A 175 -15.40 15.54 9.94
CA ASP A 175 -16.68 15.31 10.59
C ASP A 175 -16.60 13.94 11.25
N PRO A 176 -16.31 13.89 12.55
CA PRO A 176 -16.22 12.59 13.23
C PRO A 176 -17.53 11.83 13.29
N HIS A 177 -18.64 12.47 12.92
CA HIS A 177 -19.95 11.82 12.96
C HIS A 177 -20.44 11.42 11.58
N LEU A 178 -19.73 11.78 10.51
CA LEU A 178 -20.15 11.51 9.13
C LEU A 178 -21.62 11.89 8.95
N SER A 179 -21.94 13.12 9.36
CA SER A 179 -23.33 13.50 9.62
C SER A 179 -24.22 13.36 8.40
N SER A 180 -23.69 13.61 7.21
CA SER A 180 -24.52 13.63 6.01
C SER A 180 -24.67 12.26 5.35
N VAL A 181 -24.00 11.24 5.84
CA VAL A 181 -24.08 9.91 5.26
C VAL A 181 -25.24 9.16 5.92
N SER A 182 -26.09 8.53 5.11
CA SER A 182 -27.23 7.77 5.61
C SER A 182 -26.95 6.28 5.70
N HIS A 183 -26.17 5.74 4.75
CA HIS A 183 -25.74 4.35 4.75
C HIS A 183 -24.25 4.31 4.50
N ILE A 184 -23.52 3.54 5.29
CA ILE A 184 -22.10 3.30 5.07
C ILE A 184 -21.89 1.80 4.94
N VAL A 185 -21.31 1.38 3.82
CA VAL A 185 -21.15 -0.02 3.48
C VAL A 185 -19.66 -0.35 3.53
N LEU A 186 -19.26 -1.12 4.54
CA LEU A 186 -17.88 -1.56 4.68
C LEU A 186 -17.74 -2.90 3.95
N ASP A 187 -17.06 -2.87 2.80
CA ASP A 187 -16.91 -4.04 1.95
C ASP A 187 -15.55 -4.70 2.19
N GLU A 188 -15.47 -5.98 1.86
CA GLU A 188 -14.23 -6.76 1.97
C GLU A 188 -13.65 -6.69 3.38
N ILE A 189 -14.53 -6.76 4.39
CA ILE A 189 -14.10 -6.59 5.77
C ILE A 189 -13.17 -7.70 6.22
N HIS A 190 -13.12 -8.83 5.49
CA HIS A 190 -12.20 -9.89 5.84
C HIS A 190 -10.75 -9.48 5.68
N GLU A 191 -10.47 -8.54 4.78
CA GLU A 191 -9.12 -8.02 4.61
C GLU A 191 -8.74 -7.15 5.81
N ARG A 192 -8.26 -7.79 6.88
CA ARG A 192 -8.04 -7.11 8.16
C ARG A 192 -6.76 -6.27 8.10
N ASN A 193 -6.79 -5.23 7.27
CA ASN A 193 -5.68 -4.30 7.23
C ASN A 193 -5.79 -3.31 8.38
N LEU A 194 -4.66 -2.67 8.69
CA LEU A 194 -4.56 -1.80 9.86
C LEU A 194 -5.64 -0.71 9.85
N GLN A 195 -5.76 -0.01 8.72
CA GLN A 195 -6.72 1.09 8.63
C GLN A 195 -8.16 0.58 8.72
N SER A 196 -8.45 -0.58 8.12
CA SER A 196 -9.81 -1.10 8.13
C SER A 196 -10.24 -1.48 9.55
N ASP A 197 -9.33 -2.06 10.34
CA ASP A 197 -9.65 -2.37 11.72
C ASP A 197 -9.90 -1.11 12.53
N VAL A 198 -9.12 -0.05 12.27
CA VAL A 198 -9.36 1.23 12.93
C VAL A 198 -10.72 1.78 12.55
N LEU A 199 -11.00 1.85 11.24
CA LEU A 199 -12.29 2.34 10.78
C LEU A 199 -13.45 1.54 11.36
N MET A 200 -13.30 0.22 11.39
CA MET A 200 -14.36 -0.64 11.92
C MET A 200 -14.65 -0.34 13.38
N THR A 201 -13.59 -0.07 14.16
CA THR A 201 -13.79 0.26 15.58
C THR A 201 -14.40 1.65 15.73
N VAL A 202 -14.00 2.59 14.87
CA VAL A 202 -14.57 3.94 14.93
C VAL A 202 -16.06 3.90 14.60
N VAL A 203 -16.44 3.10 13.61
CA VAL A 203 -17.85 2.99 13.24
C VAL A 203 -18.66 2.39 14.38
N LYS A 204 -18.08 1.41 15.09
CA LYS A 204 -18.80 0.79 16.20
C LYS A 204 -19.08 1.79 17.32
N ASP A 205 -18.10 2.64 17.65
CA ASP A 205 -18.32 3.67 18.65
C ASP A 205 -19.33 4.71 18.20
N LEU A 206 -19.45 4.92 16.88
CA LEU A 206 -20.28 5.98 16.34
C LEU A 206 -21.77 5.62 16.32
N LEU A 207 -22.11 4.34 16.42
CA LEU A 207 -23.49 3.90 16.26
C LEU A 207 -24.43 4.62 17.22
N SER A 208 -24.07 4.65 18.51
CA SER A 208 -24.96 5.29 19.49
C SER A 208 -25.08 6.79 19.24
N TYR A 209 -24.05 7.42 18.69
CA TYR A 209 -24.12 8.84 18.34
C TYR A 209 -24.81 9.08 17.01
N ARG A 210 -25.01 8.04 16.20
CA ARG A 210 -25.74 8.14 14.93
C ARG A 210 -26.81 7.07 14.89
N PRO A 211 -27.88 7.24 15.66
CA PRO A 211 -28.98 6.25 15.61
C PRO A 211 -29.66 6.17 14.27
N ASP A 212 -29.52 7.19 13.43
CA ASP A 212 -30.12 7.21 12.10
C ASP A 212 -29.25 6.57 11.04
N LEU A 213 -27.99 6.26 11.35
CA LEU A 213 -27.07 5.71 10.37
C LEU A 213 -27.27 4.21 10.20
N LYS A 214 -27.15 3.74 8.97
CA LYS A 214 -27.20 2.33 8.65
C LYS A 214 -25.80 1.85 8.27
N VAL A 215 -25.39 0.71 8.83
CA VAL A 215 -24.07 0.14 8.58
C VAL A 215 -24.26 -1.26 8.01
N VAL A 216 -23.55 -1.55 6.91
CA VAL A 216 -23.61 -2.84 6.26
C VAL A 216 -22.19 -3.40 6.15
N LEU A 217 -22.01 -4.64 6.59
CA LEU A 217 -20.73 -5.32 6.58
C LEU A 217 -20.80 -6.48 5.60
N MET A 218 -19.89 -6.52 4.63
CA MET A 218 -19.96 -7.50 3.55
C MET A 218 -18.60 -8.17 3.33
N SER A 219 -18.63 -9.47 3.06
CA SER A 219 -17.46 -10.19 2.62
C SER A 219 -17.88 -11.53 2.03
N ALA A 220 -17.08 -12.02 1.08
CA ALA A 220 -17.38 -13.29 0.44
C ALA A 220 -16.80 -14.46 1.22
N THR A 221 -15.65 -14.26 1.87
CA THR A 221 -14.98 -15.28 2.66
C THR A 221 -14.87 -14.74 4.09
N LEU A 222 -15.79 -15.14 4.95
CA LEU A 222 -15.92 -14.45 6.24
C LEU A 222 -16.40 -15.38 7.34
N ASN A 223 -15.73 -15.28 8.49
CA ASN A 223 -16.28 -15.76 9.76
C ASN A 223 -17.28 -14.69 10.21
N ALA A 224 -18.47 -14.73 9.61
CA ALA A 224 -19.45 -13.66 9.82
C ALA A 224 -19.93 -13.59 11.26
N GLU A 225 -19.92 -14.71 11.98
CA GLU A 225 -20.30 -14.68 13.39
C GLU A 225 -19.33 -13.87 14.23
N LYS A 226 -18.05 -13.82 13.81
CA LYS A 226 -17.08 -13.00 14.53
C LYS A 226 -17.42 -11.52 14.41
N PHE A 227 -17.88 -11.08 13.23
CA PHE A 227 -18.23 -9.67 13.05
C PHE A 227 -19.60 -9.36 13.62
N SER A 228 -20.54 -10.30 13.55
CA SER A 228 -21.83 -10.11 14.21
C SER A 228 -21.65 -9.93 15.71
N GLU A 229 -20.93 -10.85 16.34
CA GLU A 229 -20.68 -10.77 17.78
C GLU A 229 -19.98 -9.46 18.14
N TYR A 230 -19.04 -9.03 17.30
CA TYR A 230 -18.34 -7.78 17.58
C TYR A 230 -19.26 -6.58 17.53
N PHE A 231 -20.27 -6.61 16.65
CA PHE A 231 -21.25 -5.53 16.54
C PHE A 231 -22.54 -5.86 17.28
N GLY A 232 -22.43 -6.37 18.50
CA GLY A 232 -23.60 -6.60 19.33
C GLY A 232 -24.52 -7.70 18.86
N ASN A 233 -23.99 -8.76 18.26
CA ASN A 233 -24.78 -9.86 17.70
C ASN A 233 -25.81 -9.33 16.71
N CYS A 234 -25.35 -8.46 15.81
CA CYS A 234 -26.20 -7.96 14.75
C CYS A 234 -26.61 -9.10 13.83
N PRO A 235 -27.75 -8.98 13.16
CA PRO A 235 -28.20 -10.07 12.29
C PRO A 235 -27.26 -10.28 11.12
N MET A 236 -27.16 -11.54 10.69
CA MET A 236 -26.40 -11.94 9.52
C MET A 236 -27.35 -12.44 8.45
N ILE A 237 -26.97 -12.25 7.20
CA ILE A 237 -27.75 -12.73 6.07
C ILE A 237 -26.82 -13.21 4.98
N HIS A 238 -27.06 -14.42 4.49
CA HIS A 238 -26.21 -15.05 3.48
C HIS A 238 -26.92 -15.04 2.13
N ILE A 239 -26.22 -14.60 1.10
CA ILE A 239 -26.72 -14.62 -0.27
C ILE A 239 -26.35 -15.98 -0.88
N PRO A 240 -27.30 -16.86 -1.11
CA PRO A 240 -26.96 -18.19 -1.64
C PRO A 240 -26.86 -18.20 -3.15
N GLY A 241 -26.00 -19.07 -3.65
CA GLY A 241 -25.87 -19.26 -5.08
C GLY A 241 -24.53 -18.86 -5.65
N PHE A 242 -24.17 -19.44 -6.78
CA PHE A 242 -22.95 -19.10 -7.50
C PHE A 242 -23.32 -18.57 -8.88
N THR A 243 -22.47 -17.70 -9.42
CA THR A 243 -22.77 -17.11 -10.73
C THR A 243 -22.43 -18.07 -11.86
N PHE A 244 -21.22 -18.64 -11.83
CA PHE A 244 -20.77 -19.61 -12.81
C PHE A 244 -19.82 -20.57 -12.13
N PRO A 245 -19.74 -21.82 -12.60
CA PRO A 245 -18.81 -22.78 -11.98
C PRO A 245 -17.36 -22.45 -12.32
N VAL A 246 -16.48 -22.70 -11.35
CA VAL A 246 -15.04 -22.56 -11.53
C VAL A 246 -14.39 -23.86 -11.10
N VAL A 247 -13.73 -24.53 -12.03
CA VAL A 247 -13.04 -25.78 -11.73
C VAL A 247 -11.70 -25.45 -11.08
N GLU A 248 -11.35 -26.21 -10.05
CA GLU A 248 -10.13 -25.99 -9.28
C GLU A 248 -9.13 -27.11 -9.53
N TYR A 249 -7.85 -26.75 -9.56
CA TYR A 249 -6.76 -27.70 -9.77
C TYR A 249 -5.69 -27.47 -8.73
N LEU A 250 -5.19 -28.56 -8.13
CA LEU A 250 -4.04 -28.49 -7.25
C LEU A 250 -2.77 -28.77 -8.05
N LEU A 251 -1.63 -28.67 -7.36
CA LEU A 251 -0.34 -28.79 -8.03
C LEU A 251 -0.20 -30.13 -8.75
N GLU A 252 -0.63 -31.22 -8.10
CA GLU A 252 -0.56 -32.54 -8.74
C GLU A 252 -1.44 -32.59 -9.99
N ASP A 253 -2.61 -31.93 -9.94
CA ASP A 253 -3.49 -31.91 -11.11
C ASP A 253 -2.87 -31.10 -12.24
N ILE A 254 -2.19 -30.00 -11.91
CA ILE A 254 -1.53 -29.18 -12.93
C ILE A 254 -0.43 -29.97 -13.61
N ILE A 255 0.41 -30.64 -12.82
CA ILE A 255 1.53 -31.39 -13.38
C ILE A 255 1.02 -32.57 -14.20
N GLU A 256 -0.07 -33.20 -13.76
CA GLU A 256 -0.63 -34.32 -14.50
C GLU A 256 -1.18 -33.86 -15.85
N LYS A 257 -1.84 -32.71 -15.89
CA LYS A 257 -2.51 -32.28 -17.11
C LYS A 257 -1.51 -31.86 -18.18
N ILE A 258 -0.50 -31.07 -17.80
CA ILE A 258 0.44 -30.51 -18.78
C ILE A 258 1.74 -31.29 -18.88
N ARG A 259 1.88 -32.37 -18.10
CA ARG A 259 3.08 -33.22 -18.15
C ARG A 259 4.35 -32.42 -17.96
N TYR A 260 4.36 -31.60 -16.91
CA TYR A 260 5.46 -30.69 -16.64
C TYR A 260 6.63 -31.42 -16.00
N VAL A 261 7.83 -31.16 -16.50
CA VAL A 261 9.07 -31.64 -15.90
C VAL A 261 9.96 -30.42 -15.67
N PRO A 262 10.40 -30.16 -14.44
CA PRO A 262 11.21 -28.96 -14.18
C PRO A 262 12.58 -29.06 -14.84
N GLU A 263 12.93 -28.01 -15.58
CA GLU A 263 14.20 -27.97 -16.31
C GLU A 263 15.39 -27.90 -15.36
N TYR A 286 5.77 -22.49 12.26
CA TYR A 286 7.02 -23.26 12.27
C TYR A 286 6.75 -24.74 12.52
N TYR A 287 5.83 -25.03 13.44
CA TYR A 287 5.51 -26.42 13.75
C TYR A 287 4.66 -27.05 12.66
N TYR A 288 3.85 -26.26 11.97
CA TYR A 288 3.05 -26.82 10.87
C TYR A 288 3.95 -27.41 9.78
N GLU A 289 5.17 -26.88 9.63
CA GLU A 289 6.11 -27.45 8.68
C GLU A 289 6.60 -28.82 9.15
N ALA A 290 6.70 -29.03 10.46
CA ALA A 290 7.07 -30.35 10.96
C ALA A 290 5.98 -31.37 10.68
N ILE A 291 4.72 -30.95 10.75
CA ILE A 291 3.61 -31.84 10.37
C ILE A 291 3.68 -32.18 8.89
N TYR A 292 3.98 -31.19 8.05
CA TYR A 292 4.13 -31.42 6.62
C TYR A 292 5.23 -32.45 6.36
N LYS A 293 6.38 -32.31 7.02
CA LYS A 293 7.48 -33.25 6.83
C LYS A 293 7.12 -34.64 7.32
N GLU A 294 6.34 -34.74 8.40
CA GLU A 294 5.97 -36.05 8.92
C GLU A 294 4.99 -36.76 8.00
N ARG A 295 3.99 -36.05 7.48
CA ARG A 295 3.02 -36.63 6.57
C ARG A 295 3.53 -36.74 5.14
N TRP A 296 4.68 -36.15 4.83
CA TRP A 296 5.19 -36.14 3.46
C TRP A 296 5.38 -37.53 2.87
N PRO A 297 6.03 -38.49 3.54
CA PRO A 297 6.22 -39.80 2.89
C PRO A 297 4.92 -40.56 2.66
N GLY A 298 4.01 -40.55 3.63
CA GLY A 298 2.73 -41.22 3.43
C GLY A 298 1.88 -40.54 2.38
N TYR A 299 1.98 -39.22 2.26
CA TYR A 299 1.24 -38.50 1.24
C TYR A 299 1.71 -38.87 -0.17
N LEU A 300 3.02 -39.03 -0.35
CA LEU A 300 3.54 -39.45 -1.64
C LEU A 300 3.08 -40.86 -1.99
N ARG A 301 2.99 -41.74 -0.99
CA ARG A 301 2.53 -43.10 -1.23
C ARG A 301 1.08 -43.09 -1.72
N GLU A 302 0.19 -42.41 -0.99
CA GLU A 302 -1.20 -42.31 -1.39
C GLU A 302 -1.36 -41.59 -2.72
N LEU A 303 -0.39 -40.78 -3.11
CA LEU A 303 -0.47 -40.05 -4.37
C LEU A 303 -0.18 -40.95 -5.56
N ARG A 304 0.77 -41.89 -5.39
CA ARG A 304 1.11 -42.79 -6.49
C ARG A 304 -0.05 -43.67 -6.92
N GLN A 305 -1.06 -43.84 -6.06
CA GLN A 305 -2.24 -44.62 -6.40
C GLN A 305 -3.23 -43.86 -7.26
N ARG A 306 -3.07 -42.55 -7.40
CA ARG A 306 -4.01 -41.73 -8.15
C ARG A 306 -3.38 -40.93 -9.27
N TYR A 307 -2.06 -40.85 -9.34
CA TYR A 307 -1.38 -40.09 -10.37
C TYR A 307 -0.23 -40.91 -10.95
N SER A 308 0.17 -40.57 -12.16
CA SER A 308 1.28 -41.25 -12.81
C SER A 308 2.57 -41.00 -12.03
N ALA A 309 3.48 -41.97 -12.10
CA ALA A 309 4.72 -41.89 -11.33
C ALA A 309 5.54 -40.67 -11.69
N SER A 310 5.48 -40.23 -12.95
CA SER A 310 6.24 -39.07 -13.37
C SER A 310 5.82 -37.82 -12.59
N THR A 311 4.50 -37.63 -12.43
CA THR A 311 4.01 -36.44 -11.74
C THR A 311 4.31 -36.51 -10.24
N VAL A 312 4.24 -37.70 -9.66
CA VAL A 312 4.58 -37.84 -8.24
C VAL A 312 6.04 -37.52 -8.01
N ASP A 313 6.92 -37.92 -8.93
CA ASP A 313 8.32 -37.56 -8.83
C ASP A 313 8.52 -36.06 -8.96
N VAL A 314 7.72 -35.41 -9.80
CA VAL A 314 7.82 -33.96 -9.96
C VAL A 314 7.36 -33.24 -8.69
N VAL A 315 6.24 -33.68 -8.12
CA VAL A 315 5.78 -33.15 -6.84
C VAL A 315 6.87 -33.31 -5.79
N GLU A 316 7.60 -34.42 -5.84
CA GLU A 316 8.63 -34.68 -4.84
C GLU A 316 9.77 -33.66 -4.92
N MET A 317 10.07 -33.16 -6.11
CA MET A 317 11.19 -32.25 -6.30
C MET A 317 10.76 -30.79 -6.42
N MET A 318 9.47 -30.49 -6.36
CA MET A 318 9.03 -29.10 -6.38
C MET A 318 9.53 -28.37 -5.14
N ASP A 319 9.72 -27.06 -5.28
CA ASP A 319 10.36 -26.24 -4.26
C ASP A 319 9.31 -25.41 -3.52
N ASP A 320 9.30 -25.54 -2.19
CA ASP A 320 8.38 -24.77 -1.35
C ASP A 320 8.85 -23.35 -1.11
N GLU A 321 10.12 -23.04 -1.38
CA GLU A 321 10.68 -21.76 -0.98
C GLU A 321 10.16 -20.62 -1.85
N LYS A 322 10.07 -20.85 -3.16
CA LYS A 322 9.66 -19.80 -4.10
C LYS A 322 8.65 -20.34 -5.09
N VAL A 323 7.93 -19.42 -5.73
CA VAL A 323 6.99 -19.79 -6.77
C VAL A 323 7.75 -20.22 -8.02
N ASP A 324 7.29 -21.30 -8.65
CA ASP A 324 7.93 -21.84 -9.84
C ASP A 324 7.42 -21.06 -11.06
N LEU A 325 8.22 -20.09 -11.51
CA LEU A 325 7.81 -19.27 -12.63
C LEU A 325 7.83 -20.05 -13.94
N ASN A 326 8.75 -21.01 -14.06
CA ASN A 326 8.78 -21.85 -15.26
C ASN A 326 7.50 -22.68 -15.39
N LEU A 327 6.98 -23.17 -14.26
CA LEU A 327 5.73 -23.91 -14.28
C LEU A 327 4.56 -23.02 -14.69
N ILE A 328 4.53 -21.79 -14.19
CA ILE A 328 3.48 -20.85 -14.58
C ILE A 328 3.57 -20.55 -16.07
N ALA A 329 4.78 -20.32 -16.57
CA ALA A 329 4.96 -20.09 -18.00
C ALA A 329 4.55 -21.31 -18.82
N ALA A 330 4.91 -22.51 -18.35
CA ALA A 330 4.54 -23.72 -19.06
C ALA A 330 3.01 -23.91 -19.04
N LEU A 331 2.37 -23.58 -17.92
CA LEU A 331 0.92 -23.67 -17.84
C LEU A 331 0.27 -22.65 -18.77
N ILE A 332 0.81 -21.43 -18.84
CA ILE A 332 0.28 -20.43 -19.76
C ILE A 332 0.39 -20.91 -21.20
N ARG A 333 1.55 -21.47 -21.56
CA ARG A 333 1.72 -22.05 -22.89
C ARG A 333 0.66 -23.11 -23.17
N TYR A 334 0.38 -23.96 -22.18
CA TYR A 334 -0.61 -25.02 -22.38
C TYR A 334 -2.00 -24.44 -22.59
N ILE A 335 -2.35 -23.40 -21.81
CA ILE A 335 -3.69 -22.82 -21.91
C ILE A 335 -3.93 -22.23 -23.30
N VAL A 336 -2.98 -21.42 -23.79
CA VAL A 336 -3.17 -20.75 -25.06
C VAL A 336 -3.12 -21.71 -26.23
N LEU A 337 -2.49 -22.88 -26.07
CA LEU A 337 -2.33 -23.83 -27.16
C LEU A 337 -3.36 -24.96 -27.14
N GLU A 338 -4.01 -25.22 -26.00
CA GLU A 338 -4.91 -26.36 -25.87
C GLU A 338 -6.29 -26.01 -25.34
N GLU A 339 -6.47 -24.87 -24.69
CA GLU A 339 -7.75 -24.52 -24.08
C GLU A 339 -8.43 -23.41 -24.89
N GLU A 340 -9.71 -23.19 -24.59
CA GLU A 340 -10.51 -22.24 -25.33
C GLU A 340 -10.10 -20.80 -25.01
N ASP A 341 -10.72 -19.86 -25.73
CA ASP A 341 -10.40 -18.45 -25.57
C ASP A 341 -10.74 -17.97 -24.16
N GLY A 342 -10.05 -16.91 -23.74
CA GLY A 342 -10.27 -16.34 -22.42
C GLY A 342 -9.00 -15.76 -21.84
N ALA A 343 -9.12 -14.64 -21.16
CA ALA A 343 -7.95 -13.99 -20.57
C ALA A 343 -7.42 -14.82 -19.40
N ILE A 344 -6.13 -14.64 -19.11
CA ILE A 344 -5.45 -15.35 -18.04
C ILE A 344 -5.00 -14.33 -17.00
N LEU A 345 -5.23 -14.64 -15.73
CA LEU A 345 -4.87 -13.78 -14.62
C LEU A 345 -3.95 -14.55 -13.69
N VAL A 346 -2.75 -14.02 -13.47
CA VAL A 346 -1.71 -14.69 -12.68
C VAL A 346 -1.48 -13.89 -11.40
N PHE A 347 -1.42 -14.58 -10.27
CA PHE A 347 -1.16 -13.98 -8.97
C PHE A 347 0.24 -14.33 -8.51
N LEU A 348 1.08 -13.31 -8.32
CA LEU A 348 2.44 -13.46 -7.87
C LEU A 348 2.68 -12.63 -6.62
N PRO A 349 3.66 -13.00 -5.79
CA PRO A 349 3.87 -12.28 -4.52
C PRO A 349 4.23 -10.82 -4.70
N GLY A 350 5.14 -10.49 -5.61
CA GLY A 350 5.59 -9.11 -5.74
C GLY A 350 6.06 -8.72 -7.12
N TRP A 351 6.65 -7.53 -7.23
CA TRP A 351 7.04 -6.99 -8.52
C TRP A 351 8.20 -7.75 -9.14
N ASP A 352 9.13 -8.25 -8.33
CA ASP A 352 10.28 -8.97 -8.86
C ASP A 352 9.83 -10.24 -9.58
N ASN A 353 8.81 -10.91 -9.07
CA ASN A 353 8.29 -12.10 -9.75
C ASN A 353 7.52 -11.71 -11.01
N ILE A 354 6.78 -10.61 -10.97
CA ILE A 354 5.97 -10.19 -12.11
C ILE A 354 6.86 -9.89 -13.31
N SER A 355 7.89 -9.06 -13.10
CA SER A 355 8.77 -8.69 -14.20
C SER A 355 9.54 -9.89 -14.73
N THR A 356 9.93 -10.81 -13.84
CA THR A 356 10.64 -12.01 -14.28
C THR A 356 9.76 -12.86 -15.18
N LEU A 357 8.51 -13.12 -14.77
CA LEU A 357 7.60 -13.89 -15.59
C LEU A 357 7.29 -13.17 -16.90
N HIS A 358 7.14 -11.84 -16.84
CA HIS A 358 6.87 -11.08 -18.05
C HIS A 358 8.00 -11.22 -19.05
N ASP A 359 9.24 -11.10 -18.58
CA ASP A 359 10.39 -11.30 -19.47
C ASP A 359 10.50 -12.76 -19.89
N LEU A 360 10.09 -13.69 -19.03
CA LEU A 360 10.12 -15.11 -19.40
C LEU A 360 9.17 -15.38 -20.56
N LEU A 361 8.00 -14.76 -20.55
CA LEU A 361 7.05 -14.94 -21.66
C LEU A 361 7.52 -14.22 -22.91
N MET A 362 7.97 -12.96 -22.76
CA MET A 362 8.39 -12.16 -23.90
C MET A 362 9.66 -12.67 -24.56
N SER A 363 10.41 -13.55 -23.91
CA SER A 363 11.58 -14.16 -24.55
C SER A 363 11.20 -15.29 -25.48
N GLN A 364 9.93 -15.69 -25.50
CA GLN A 364 9.46 -16.76 -26.37
C GLN A 364 8.82 -16.18 -27.62
N VAL A 365 9.02 -16.86 -28.75
CA VAL A 365 8.55 -16.35 -30.03
C VAL A 365 7.02 -16.22 -30.05
N MET A 366 6.33 -17.17 -29.41
CA MET A 366 4.88 -17.16 -29.42
C MET A 366 4.31 -15.88 -28.82
N PHE A 367 4.82 -15.47 -27.67
CA PHE A 367 4.28 -14.31 -26.96
C PHE A 367 4.82 -12.99 -27.47
N LYS A 368 5.77 -13.00 -28.40
CA LYS A 368 6.27 -11.76 -28.98
C LYS A 368 5.24 -11.11 -29.89
N SER A 369 4.40 -11.91 -30.54
CA SER A 369 3.49 -11.39 -31.54
C SER A 369 2.39 -10.54 -30.89
N ASP A 370 1.59 -9.91 -31.75
CA ASP A 370 0.50 -9.06 -31.31
C ASP A 370 -0.77 -9.84 -31.01
N LYS A 371 -0.70 -11.17 -30.97
CA LYS A 371 -1.81 -11.99 -30.52
C LYS A 371 -1.96 -12.00 -29.00
N PHE A 372 -1.03 -11.37 -28.28
CA PHE A 372 -1.05 -11.35 -26.83
C PHE A 372 -0.84 -9.92 -26.33
N ILE A 373 -1.50 -9.58 -25.23
CA ILE A 373 -1.31 -8.32 -24.53
C ILE A 373 -1.07 -8.67 -23.07
N ILE A 374 0.17 -8.51 -22.62
CA ILE A 374 0.57 -8.90 -21.27
C ILE A 374 0.61 -7.65 -20.40
N ILE A 375 -0.22 -7.63 -19.35
CA ILE A 375 -0.41 -6.43 -18.53
C ILE A 375 -0.01 -6.72 -17.09
N PRO A 376 1.07 -6.12 -16.59
CA PRO A 376 1.38 -6.23 -15.15
C PRO A 376 0.44 -5.36 -14.32
N LEU A 377 0.24 -5.78 -13.07
CA LEU A 377 -0.65 -5.07 -12.16
C LEU A 377 0.02 -5.02 -10.79
N HIS A 378 0.37 -3.82 -10.34
CA HIS A 378 1.05 -3.62 -9.08
C HIS A 378 0.49 -2.36 -8.42
N SER A 379 0.35 -2.39 -7.09
CA SER A 379 -0.22 -1.26 -6.38
C SER A 379 0.64 0.00 -6.52
N LEU A 380 1.93 -0.15 -6.79
CA LEU A 380 2.83 0.97 -6.98
C LEU A 380 2.75 1.58 -8.37
N MET A 381 1.87 1.08 -9.23
CA MET A 381 1.71 1.66 -10.54
C MET A 381 0.73 2.82 -10.51
N PRO A 382 0.90 3.80 -11.41
CA PRO A 382 -0.08 4.89 -11.48
C PRO A 382 -1.46 4.36 -11.82
N THR A 383 -2.48 5.01 -11.26
CA THR A 383 -3.86 4.52 -11.42
C THR A 383 -4.26 4.45 -12.88
N VAL A 384 -3.72 5.34 -13.72
CA VAL A 384 -3.98 5.26 -15.15
C VAL A 384 -3.50 3.93 -15.71
N ASN A 385 -2.34 3.47 -15.25
CA ASN A 385 -1.82 2.19 -15.72
C ASN A 385 -2.62 1.01 -15.17
N GLN A 386 -3.15 1.14 -13.95
CA GLN A 386 -3.91 0.05 -13.36
C GLN A 386 -5.25 -0.15 -14.08
N THR A 387 -5.86 0.91 -14.58
CA THR A 387 -7.16 0.81 -15.23
C THR A 387 -7.08 0.09 -16.58
N GLN A 388 -5.91 0.06 -17.22
CA GLN A 388 -5.79 -0.55 -18.54
C GLN A 388 -6.14 -2.03 -18.52
N VAL A 389 -6.09 -2.68 -17.36
CA VAL A 389 -6.44 -4.09 -17.25
C VAL A 389 -7.90 -4.34 -17.60
N PHE A 390 -8.75 -3.33 -17.47
CA PHE A 390 -10.17 -3.49 -17.75
C PHE A 390 -10.53 -3.24 -19.21
N LYS A 391 -9.63 -2.67 -20.00
CA LYS A 391 -9.90 -2.43 -21.41
C LYS A 391 -10.05 -3.75 -22.14
N ARG A 392 -11.06 -3.82 -23.01
CA ARG A 392 -11.34 -5.04 -23.75
C ARG A 392 -10.27 -5.29 -24.81
N THR A 393 -10.06 -6.56 -25.13
CA THR A 393 -9.12 -6.92 -26.17
C THR A 393 -9.84 -7.29 -27.46
N PRO A 394 -9.21 -7.10 -28.60
CA PRO A 394 -9.78 -7.56 -29.87
C PRO A 394 -10.04 -9.06 -29.84
N PRO A 395 -10.95 -9.56 -30.67
CA PRO A 395 -11.35 -10.97 -30.55
C PRO A 395 -10.21 -11.97 -30.71
N GLY A 396 -9.25 -11.69 -31.59
CA GLY A 396 -8.14 -12.61 -31.76
C GLY A 396 -6.99 -12.42 -30.81
N VAL A 397 -7.13 -11.55 -29.80
CA VAL A 397 -6.04 -11.19 -28.91
C VAL A 397 -6.31 -11.75 -27.52
N ARG A 398 -5.32 -12.43 -26.96
CA ARG A 398 -5.41 -13.03 -25.64
C ARG A 398 -4.75 -12.12 -24.62
N LYS A 399 -5.50 -11.77 -23.57
CA LYS A 399 -4.99 -10.91 -22.51
C LYS A 399 -4.43 -11.75 -21.37
N ILE A 400 -3.25 -11.38 -20.88
CA ILE A 400 -2.60 -12.07 -19.78
C ILE A 400 -2.21 -11.02 -18.75
N VAL A 401 -2.85 -11.06 -17.59
CA VAL A 401 -2.61 -10.11 -16.52
C VAL A 401 -1.77 -10.78 -15.45
N ILE A 402 -0.66 -10.14 -15.08
CA ILE A 402 0.25 -10.62 -14.04
C ILE A 402 0.13 -9.64 -12.88
N ALA A 403 -0.49 -10.07 -11.79
CA ALA A 403 -0.90 -9.17 -10.72
C ALA A 403 -0.42 -9.68 -9.36
N THR A 404 -0.38 -8.76 -8.40
CA THR A 404 -0.22 -9.11 -7.00
C THR A 404 -1.62 -9.28 -6.39
N ASN A 405 -1.70 -9.32 -5.06
CA ASN A 405 -3.00 -9.44 -4.39
C ASN A 405 -3.84 -8.18 -4.56
N ILE A 406 -3.34 -7.17 -5.27
CA ILE A 406 -4.14 -6.00 -5.63
C ILE A 406 -5.40 -6.41 -6.37
N ALA A 407 -5.34 -7.53 -7.09
CA ALA A 407 -6.41 -7.94 -7.99
C ALA A 407 -7.23 -9.11 -7.45
N GLU A 408 -7.04 -9.50 -6.19
CA GLU A 408 -7.67 -10.71 -5.69
C GLU A 408 -9.06 -10.48 -5.12
N THR A 409 -9.46 -9.24 -4.85
CA THR A 409 -10.80 -8.95 -4.35
C THR A 409 -11.46 -7.86 -5.17
N SER A 410 -12.79 -7.78 -5.04
CA SER A 410 -13.60 -6.69 -5.55
C SER A 410 -13.69 -6.59 -7.07
N ILE A 411 -12.53 -6.43 -7.73
CA ILE A 411 -12.55 -6.07 -9.15
C ILE A 411 -13.02 -7.26 -10.00
N THR A 412 -13.63 -6.93 -11.14
CA THR A 412 -14.08 -7.90 -12.12
C THR A 412 -13.46 -7.56 -13.46
N ILE A 413 -12.76 -8.52 -14.05
CA ILE A 413 -12.17 -8.37 -15.38
C ILE A 413 -12.95 -9.25 -16.33
N ASP A 414 -13.46 -8.64 -17.40
CA ASP A 414 -14.52 -9.27 -18.20
C ASP A 414 -14.09 -10.60 -18.79
N ASP A 415 -13.00 -10.62 -19.55
CA ASP A 415 -12.63 -11.78 -20.34
C ASP A 415 -11.81 -12.82 -19.57
N VAL A 416 -11.63 -12.64 -18.25
CA VAL A 416 -10.83 -13.58 -17.49
C VAL A 416 -11.55 -14.92 -17.37
N VAL A 417 -10.86 -15.99 -17.75
CA VAL A 417 -11.42 -17.33 -17.72
C VAL A 417 -10.49 -18.26 -16.94
N TYR A 418 -9.19 -17.96 -16.96
CA TYR A 418 -8.18 -18.80 -16.31
C TYR A 418 -7.46 -17.99 -15.25
N VAL A 419 -7.47 -18.48 -14.02
CA VAL A 419 -6.76 -17.88 -12.91
C VAL A 419 -5.64 -18.84 -12.50
N ILE A 420 -4.41 -18.35 -12.48
CA ILE A 420 -3.25 -19.11 -12.03
C ILE A 420 -2.82 -18.51 -10.70
N ASP A 421 -3.03 -19.26 -9.62
CA ASP A 421 -2.69 -18.81 -8.27
C ASP A 421 -1.30 -19.33 -7.91
N GLY A 422 -0.33 -18.44 -7.89
CA GLY A 422 1.02 -18.80 -7.47
C GLY A 422 1.11 -19.33 -6.06
N GLY A 423 0.05 -19.16 -5.26
CA GLY A 423 -0.01 -19.75 -3.93
C GLY A 423 0.66 -18.95 -2.83
N LYS A 424 1.19 -17.76 -3.13
CA LYS A 424 1.94 -17.01 -2.14
C LYS A 424 1.52 -15.55 -2.15
N ILE A 425 1.81 -14.87 -1.04
CA ILE A 425 1.39 -13.49 -0.83
C ILE A 425 2.41 -12.80 0.05
N LYS A 426 2.72 -11.54 -0.26
CA LYS A 426 3.64 -10.77 0.55
C LYS A 426 3.01 -10.41 1.88
N GLU A 427 3.74 -10.65 2.97
CA GLU A 427 3.27 -10.35 4.31
C GLU A 427 4.39 -9.70 5.12
N THR A 428 4.03 -8.65 5.85
CA THR A 428 4.94 -8.05 6.83
C THR A 428 4.83 -8.82 8.14
N HIS A 429 5.97 -8.99 8.82
CA HIS A 429 5.99 -9.67 10.10
C HIS A 429 6.92 -8.93 11.05
N PHE A 430 6.56 -8.94 12.34
CA PHE A 430 7.19 -8.10 13.34
C PHE A 430 7.64 -8.95 14.51
N ASP A 431 8.90 -8.76 14.93
CA ASP A 431 9.47 -9.49 16.06
C ASP A 431 9.77 -8.50 17.19
N THR A 432 9.32 -8.83 18.40
CA THR A 432 9.43 -7.93 19.53
C THR A 432 10.74 -8.11 20.28
N GLN A 433 11.79 -8.57 19.58
CA GLN A 433 13.12 -8.65 20.14
C GLN A 433 14.07 -7.62 19.58
N ASN A 434 13.78 -7.07 18.41
CA ASN A 434 14.55 -6.00 17.83
C ASN A 434 13.64 -5.23 16.88
N ASN A 435 14.01 -3.97 16.61
CA ASN A 435 13.23 -3.12 15.71
C ASN A 435 13.46 -3.53 14.25
N ILE A 436 13.09 -4.77 13.96
CA ILE A 436 13.26 -5.36 12.64
C ILE A 436 11.93 -5.98 12.21
N SER A 437 11.36 -5.46 11.14
CA SER A 437 10.17 -6.01 10.52
C SER A 437 10.52 -6.49 9.13
N THR A 438 10.02 -7.68 8.77
CA THR A 438 10.37 -8.33 7.51
C THR A 438 9.14 -8.51 6.64
N MET A 439 9.28 -8.22 5.36
CA MET A 439 8.28 -8.53 4.36
C MET A 439 8.77 -9.72 3.55
N SER A 440 7.93 -10.74 3.42
CA SER A 440 8.33 -11.98 2.77
C SER A 440 7.11 -12.63 2.11
N ALA A 441 7.38 -13.54 1.19
CA ALA A 441 6.34 -14.27 0.47
C ALA A 441 5.91 -15.46 1.30
N GLU A 442 4.71 -15.40 1.86
CA GLU A 442 4.16 -16.45 2.71
C GLU A 442 3.14 -17.28 1.93
N TRP A 443 2.86 -18.47 2.45
CA TRP A 443 1.80 -19.29 1.88
C TRP A 443 0.47 -18.55 1.97
N VAL A 444 -0.30 -18.61 0.90
CA VAL A 444 -1.60 -17.97 0.86
C VAL A 444 -2.53 -18.65 1.85
N SER A 445 -3.51 -17.91 2.34
CA SER A 445 -4.54 -18.50 3.17
C SER A 445 -5.72 -18.95 2.31
N LYS A 446 -6.60 -19.75 2.92
CA LYS A 446 -7.74 -20.28 2.17
C LYS A 446 -8.66 -19.15 1.70
N ALA A 447 -8.74 -18.07 2.46
CA ALA A 447 -9.58 -16.94 2.05
C ALA A 447 -9.00 -16.24 0.82
N ASN A 448 -7.68 -15.99 0.83
CA ASN A 448 -7.05 -15.39 -0.34
C ASN A 448 -7.18 -16.30 -1.56
N ALA A 449 -7.06 -17.60 -1.35
CA ALA A 449 -7.23 -18.55 -2.45
C ALA A 449 -8.65 -18.49 -3.01
N LYS A 450 -9.65 -18.44 -2.13
CA LYS A 450 -11.03 -18.38 -2.59
C LYS A 450 -11.32 -17.06 -3.29
N GLN A 451 -10.71 -15.97 -2.83
CA GLN A 451 -10.87 -14.69 -3.51
C GLN A 451 -10.20 -14.71 -4.89
N ARG A 452 -9.05 -15.38 -4.99
CA ARG A 452 -8.34 -15.46 -6.27
C ARG A 452 -9.11 -16.34 -7.26
N LYS A 453 -9.62 -17.48 -6.79
CA LYS A 453 -10.49 -18.30 -7.63
C LYS A 453 -11.71 -17.51 -8.08
N GLY A 454 -12.22 -16.64 -7.21
CA GLY A 454 -13.42 -15.87 -7.50
C GLY A 454 -13.27 -14.83 -8.59
N ARG A 455 -12.04 -14.48 -8.99
CA ARG A 455 -11.86 -13.57 -10.10
C ARG A 455 -12.35 -14.16 -11.41
N ALA A 456 -12.37 -15.49 -11.52
CA ALA A 456 -13.04 -16.18 -12.61
C ALA A 456 -14.44 -16.58 -12.18
N GLY A 457 -15.25 -16.99 -13.14
CA GLY A 457 -16.62 -17.38 -12.86
C GLY A 457 -17.57 -16.24 -12.63
N ARG A 458 -17.20 -15.01 -12.98
CA ARG A 458 -18.04 -13.84 -12.75
C ARG A 458 -19.03 -13.62 -13.89
N VAL A 459 -18.54 -13.62 -15.12
CA VAL A 459 -19.40 -13.45 -16.29
C VAL A 459 -19.52 -14.72 -17.13
N GLN A 460 -18.73 -15.75 -16.85
CA GLN A 460 -18.77 -17.01 -17.57
C GLN A 460 -18.00 -18.04 -16.75
N PRO A 461 -18.09 -19.33 -17.09
CA PRO A 461 -17.31 -20.33 -16.36
C PRO A 461 -15.81 -20.06 -16.44
N GLY A 462 -15.07 -20.74 -15.58
CA GLY A 462 -13.64 -20.51 -15.51
C GLY A 462 -12.90 -21.67 -14.87
N HIS A 463 -11.58 -21.52 -14.80
CA HIS A 463 -10.69 -22.51 -14.21
C HIS A 463 -9.68 -21.79 -13.32
N CYS A 464 -9.39 -22.37 -12.16
CA CYS A 464 -8.40 -21.84 -11.23
C CYS A 464 -7.36 -22.90 -10.95
N TYR A 465 -6.10 -22.55 -11.12
CA TYR A 465 -4.97 -23.44 -10.88
C TYR A 465 -4.20 -22.95 -9.67
N HIS A 466 -4.12 -23.78 -8.64
CA HIS A 466 -3.42 -23.45 -7.40
C HIS A 466 -2.09 -24.18 -7.38
N LEU A 467 -1.00 -23.43 -7.26
CA LEU A 467 0.34 -24.03 -7.26
C LEU A 467 0.79 -24.46 -5.87
N TYR A 468 -0.08 -25.17 -5.17
CA TYR A 468 0.28 -25.89 -3.96
C TYR A 468 -0.36 -27.27 -4.01
N ASN A 469 0.32 -28.26 -3.44
CA ASN A 469 -0.19 -29.62 -3.50
C ASN A 469 -1.30 -29.82 -2.47
N SER A 470 -1.91 -31.00 -2.48
CA SER A 470 -3.05 -31.26 -1.61
C SER A 470 -2.66 -31.33 -0.14
N LEU A 471 -1.46 -31.85 0.15
CA LEU A 471 -0.99 -31.84 1.53
C LEU A 471 -0.77 -30.41 2.03
N ARG A 472 -0.26 -29.55 1.15
CA ARG A 472 -0.13 -28.14 1.48
C ARG A 472 -1.49 -27.52 1.78
N ALA A 473 -2.51 -27.90 1.04
CA ALA A 473 -3.84 -27.31 1.20
C ALA A 473 -4.40 -27.59 2.58
N SER A 474 -4.19 -28.80 3.10
CA SER A 474 -4.73 -29.16 4.41
C SER A 474 -4.06 -28.40 5.55
N LEU A 475 -2.94 -27.74 5.31
CA LEU A 475 -2.21 -27.04 6.36
C LEU A 475 -2.19 -25.53 6.16
N LEU A 476 -2.94 -25.00 5.20
CA LEU A 476 -3.11 -23.57 5.09
C LEU A 476 -4.08 -23.06 6.16
N ASP A 477 -3.90 -21.81 6.56
CA ASP A 477 -4.80 -21.20 7.52
C ASP A 477 -6.05 -20.68 6.81
N ASP A 478 -7.13 -20.55 7.58
CA ASP A 478 -8.38 -20.05 7.01
C ASP A 478 -8.25 -18.59 6.58
N TYR A 479 -7.55 -17.78 7.37
CA TYR A 479 -7.40 -16.37 7.08
C TYR A 479 -5.99 -15.94 7.41
N GLN A 480 -5.58 -14.83 6.81
CA GLN A 480 -4.34 -14.18 7.22
C GLN A 480 -4.48 -13.66 8.65
N LEU A 481 -3.37 -13.67 9.37
CA LEU A 481 -3.32 -12.96 10.63
C LEU A 481 -3.62 -11.49 10.39
N PRO A 482 -4.49 -10.88 11.18
CA PRO A 482 -4.77 -9.45 10.99
C PRO A 482 -3.48 -8.63 11.04
N GLU A 483 -3.37 -7.66 10.14
CA GLU A 483 -2.13 -6.90 10.00
C GLU A 483 -1.76 -6.18 11.28
N ILE A 484 -2.75 -5.82 12.11
CA ILE A 484 -2.47 -5.11 13.35
C ILE A 484 -1.71 -5.97 14.35
N LEU A 485 -1.69 -7.29 14.14
CA LEU A 485 -0.98 -8.21 15.03
C LEU A 485 0.41 -8.57 14.55
N ARG A 486 0.89 -7.97 13.45
CA ARG A 486 2.15 -8.42 12.87
C ARG A 486 2.94 -7.31 12.17
N THR A 487 2.64 -6.04 12.40
CA THR A 487 3.34 -4.93 11.77
C THR A 487 3.69 -3.89 12.82
N PRO A 488 4.67 -3.03 12.54
CA PRO A 488 4.90 -1.87 13.41
C PRO A 488 3.67 -0.99 13.44
N LEU A 489 3.41 -0.39 14.61
CA LEU A 489 2.13 0.25 14.88
C LEU A 489 2.23 1.77 14.96
N GLU A 490 3.24 2.37 14.32
CA GLU A 490 3.37 3.82 14.37
C GLU A 490 2.19 4.51 13.70
N GLU A 491 1.72 3.97 12.57
CA GLU A 491 0.56 4.56 11.92
C GLU A 491 -0.71 4.36 12.75
N LEU A 492 -0.79 3.26 13.51
CA LEU A 492 -1.93 3.06 14.39
C LEU A 492 -2.02 4.15 15.45
N CYS A 493 -0.87 4.49 16.06
CA CYS A 493 -0.88 5.52 17.10
C CYS A 493 -1.11 6.90 16.51
N LEU A 494 -0.49 7.19 15.37
CA LEU A 494 -0.75 8.47 14.70
C LEU A 494 -2.21 8.61 14.32
N GLN A 495 -2.83 7.51 13.87
CA GLN A 495 -4.24 7.55 13.50
C GLN A 495 -5.13 7.81 14.71
N ILE A 496 -4.88 7.10 15.81
CA ILE A 496 -5.65 7.30 17.04
C ILE A 496 -5.56 8.74 17.50
N LYS A 497 -4.37 9.33 17.40
CA LYS A 497 -4.17 10.67 17.93
C LYS A 497 -4.79 11.74 17.04
N ILE A 498 -4.68 11.60 15.72
CA ILE A 498 -5.20 12.63 14.83
C ILE A 498 -6.73 12.64 14.83
N LEU A 499 -7.34 11.48 15.09
CA LEU A 499 -8.80 11.38 15.15
C LEU A 499 -9.35 11.71 16.53
N ARG A 500 -8.50 12.04 17.49
CA ARG A 500 -8.92 12.41 18.85
C ARG A 500 -9.85 11.36 19.44
N LEU A 501 -9.47 10.09 19.30
CA LEU A 501 -10.30 8.98 19.75
C LEU A 501 -10.14 8.67 21.23
N GLY A 502 -9.26 9.39 21.92
CA GLY A 502 -9.05 9.21 23.34
C GLY A 502 -7.71 8.58 23.64
N GLY A 503 -7.66 7.90 24.78
CA GLY A 503 -6.43 7.24 25.20
C GLY A 503 -6.14 6.03 24.34
N ILE A 504 -4.85 5.84 24.04
CA ILE A 504 -4.44 4.70 23.23
C ILE A 504 -4.72 3.38 23.94
N ALA A 505 -4.75 3.39 25.27
CA ALA A 505 -5.07 2.17 25.99
C ALA A 505 -6.56 1.83 25.87
N HIS A 506 -7.43 2.84 26.00
CA HIS A 506 -8.87 2.59 25.90
C HIS A 506 -9.25 2.12 24.51
N PHE A 507 -8.63 2.70 23.47
CA PHE A 507 -8.97 2.33 22.11
C PHE A 507 -8.52 0.91 21.80
N LEU A 508 -7.35 0.50 22.30
CA LEU A 508 -6.89 -0.87 22.10
C LEU A 508 -7.92 -1.87 22.62
N SER A 509 -8.49 -1.61 23.80
CA SER A 509 -9.48 -2.52 24.37
C SER A 509 -10.73 -2.62 23.54
N ARG A 510 -10.98 -1.67 22.63
CA ARG A 510 -12.16 -1.70 21.78
C ARG A 510 -11.91 -2.36 20.43
N LEU A 511 -10.64 -2.58 20.06
CA LEU A 511 -10.34 -3.24 18.80
C LEU A 511 -10.85 -4.68 18.81
N MET A 512 -11.14 -5.18 17.60
CA MET A 512 -11.54 -6.58 17.47
C MET A 512 -10.41 -7.50 17.92
N ASP A 513 -9.20 -7.28 17.40
CA ASP A 513 -8.01 -8.02 17.79
C ASP A 513 -6.97 -7.02 18.27
N PRO A 514 -6.91 -6.74 19.57
CA PRO A 514 -5.95 -5.75 20.07
C PRO A 514 -4.52 -6.28 20.02
N PRO A 515 -3.57 -5.45 19.64
CA PRO A 515 -2.17 -5.85 19.69
C PRO A 515 -1.63 -5.77 21.12
N SER A 516 -0.46 -6.36 21.32
CA SER A 516 0.16 -6.35 22.63
C SER A 516 0.52 -4.93 23.05
N ASN A 517 0.55 -4.70 24.36
CA ASN A 517 0.92 -3.38 24.86
C ASN A 517 2.37 -3.04 24.55
N GLU A 518 3.26 -4.05 24.55
CA GLU A 518 4.66 -3.77 24.28
C GLU A 518 4.88 -3.31 22.84
N ALA A 519 4.11 -3.86 21.90
CA ALA A 519 4.20 -3.40 20.52
C ALA A 519 3.72 -1.96 20.39
N VAL A 520 2.66 -1.60 21.11
CA VAL A 520 2.15 -0.24 21.05
C VAL A 520 3.08 0.72 21.79
N LEU A 521 3.58 0.30 22.96
CA LEU A 521 4.56 1.12 23.68
C LEU A 521 5.81 1.33 22.85
N LEU A 522 6.24 0.31 22.10
CA LEU A 522 7.39 0.47 21.23
C LEU A 522 7.12 1.50 20.15
N SER A 523 5.89 1.53 19.62
CA SER A 523 5.54 2.54 18.62
C SER A 523 5.52 3.93 19.23
N ILE A 524 5.03 4.06 20.46
CA ILE A 524 5.02 5.36 21.14
C ILE A 524 6.45 5.87 21.30
N LYS A 525 7.36 5.00 21.71
CA LYS A 525 8.76 5.42 21.85
C LYS A 525 9.34 5.86 20.52
N HIS A 526 9.06 5.13 19.44
CA HIS A 526 9.56 5.51 18.14
C HIS A 526 8.99 6.84 17.68
N LEU A 527 7.70 7.08 17.96
CA LEU A 527 7.08 8.35 17.57
C LEU A 527 7.62 9.51 18.40
N MET A 528 8.07 9.25 19.62
CA MET A 528 8.70 10.31 20.42
C MET A 528 10.09 10.61 19.89
N GLU A 529 10.86 9.58 19.52
CA GLU A 529 12.18 9.80 18.97
C GLU A 529 12.13 10.53 17.64
N LEU A 530 11.05 10.34 16.88
CA LEU A 530 10.81 11.12 15.67
C LEU A 530 10.27 12.51 15.96
N ASN A 531 9.97 12.82 17.23
CA ASN A 531 9.38 14.08 17.64
C ASN A 531 8.01 14.29 16.99
N ALA A 532 7.30 13.21 16.70
CA ALA A 532 5.90 13.30 16.32
C ALA A 532 4.98 13.35 17.53
N LEU A 533 5.44 12.84 18.68
CA LEU A 533 4.77 13.00 19.96
C LEU A 533 5.74 13.63 20.95
N ASP A 534 5.20 14.47 21.83
CA ASP A 534 6.02 15.05 22.89
C ASP A 534 6.14 14.05 24.04
N LYS A 535 6.72 14.49 25.16
CA LYS A 535 6.88 13.59 26.30
C LYS A 535 5.53 13.18 26.88
N GLN A 536 4.49 14.00 26.70
CA GLN A 536 3.17 13.73 27.24
C GLN A 536 2.28 12.92 26.30
N GLU A 537 2.87 12.23 25.32
CA GLU A 537 2.15 11.41 24.35
C GLU A 537 1.13 12.22 23.55
N GLU A 538 1.43 13.47 23.27
CA GLU A 538 0.55 14.34 22.50
C GLU A 538 1.22 14.71 21.19
N LEU A 539 0.42 14.81 20.13
CA LEU A 539 0.95 15.13 18.80
C LEU A 539 1.63 16.49 18.80
N THR A 540 2.84 16.53 18.27
CA THR A 540 3.52 17.78 17.99
C THR A 540 2.95 18.38 16.72
N PRO A 541 3.29 19.63 16.40
CA PRO A 541 2.93 20.16 15.07
C PRO A 541 3.40 19.28 13.93
N LEU A 542 4.63 18.76 14.02
CA LEU A 542 5.12 17.84 12.99
C LEU A 542 4.31 16.56 12.96
N GLY A 543 3.94 16.03 14.13
CA GLY A 543 3.17 14.80 14.18
C GLY A 543 1.83 14.92 13.50
N VAL A 544 1.26 16.12 13.46
CA VAL A 544 -0.02 16.32 12.78
C VAL A 544 0.15 16.12 11.27
N HIS A 545 1.20 16.71 10.69
CA HIS A 545 1.43 16.56 9.26
C HIS A 545 1.84 15.15 8.89
N LEU A 546 2.59 14.47 9.77
CA LEU A 546 2.98 13.10 9.50
C LEU A 546 1.77 12.17 9.49
N ALA A 547 0.82 12.39 10.41
CA ALA A 547 -0.39 11.59 10.44
C ALA A 547 -1.26 11.79 9.21
N ARG A 548 -1.10 12.92 8.52
CA ARG A 548 -1.82 13.19 7.28
C ARG A 548 -1.14 12.61 6.06
N LEU A 549 0.10 12.14 6.18
CA LEU A 549 0.82 11.55 5.06
C LEU A 549 0.64 10.04 5.09
N PRO A 550 0.09 9.41 4.05
CA PRO A 550 -0.22 7.97 4.09
C PRO A 550 1.00 7.07 3.87
N VAL A 551 2.09 7.36 4.58
CA VAL A 551 3.30 6.54 4.55
C VAL A 551 3.82 6.43 5.99
N GLU A 552 4.80 5.55 6.17
CA GLU A 552 5.42 5.43 7.49
C GLU A 552 6.09 6.74 7.87
N PRO A 553 6.07 7.12 9.16
CA PRO A 553 6.53 8.47 9.53
C PRO A 553 7.99 8.73 9.20
N HIS A 554 8.84 7.72 9.19
CA HIS A 554 10.23 7.92 8.78
C HIS A 554 10.29 8.43 7.34
N ILE A 555 9.50 7.84 6.44
CA ILE A 555 9.42 8.32 5.08
C ILE A 555 8.69 9.65 5.02
N GLY A 556 7.59 9.77 5.79
CA GLY A 556 6.83 11.01 5.77
C GLY A 556 7.63 12.20 6.25
N LYS A 557 8.45 12.00 7.28
CA LYS A 557 9.30 13.09 7.77
C LYS A 557 10.36 13.47 6.75
N MET A 558 10.85 12.50 5.99
CA MET A 558 11.90 12.79 5.00
C MET A 558 11.34 13.60 3.84
N ILE A 559 10.21 13.16 3.26
CA ILE A 559 9.68 13.88 2.11
C ILE A 559 9.08 15.21 2.51
N LEU A 560 8.62 15.33 3.75
CA LEU A 560 8.09 16.61 4.23
C LEU A 560 9.19 17.67 4.27
N PHE A 561 10.34 17.32 4.84
CA PHE A 561 11.45 18.27 4.91
C PHE A 561 12.16 18.42 3.58
N GLY A 562 12.07 17.44 2.69
CA GLY A 562 12.51 17.66 1.32
C GLY A 562 11.69 18.72 0.62
N ALA A 563 10.40 18.80 0.94
CA ALA A 563 9.56 19.86 0.39
C ALA A 563 9.82 21.18 1.10
N LEU A 564 10.05 21.13 2.42
CA LEU A 564 10.28 22.36 3.18
C LEU A 564 11.61 23.00 2.82
N PHE A 565 12.65 22.19 2.58
CA PHE A 565 13.98 22.71 2.30
C PHE A 565 14.26 22.86 0.80
N CYS A 566 13.27 22.62 -0.05
CA CYS A 566 13.39 22.86 -1.49
C CYS A 566 14.48 21.99 -2.14
N CYS A 567 14.44 20.70 -1.83
CA CYS A 567 15.30 19.71 -2.48
C CYS A 567 14.49 18.45 -2.73
N LEU A 568 13.32 18.63 -3.35
CA LEU A 568 12.32 17.57 -3.40
C LEU A 568 12.80 16.38 -4.23
N ASP A 569 13.27 16.64 -5.44
CA ASP A 569 13.54 15.56 -6.39
C ASP A 569 14.60 14.58 -5.88
N PRO A 570 15.77 15.00 -5.40
CA PRO A 570 16.71 14.00 -4.85
C PRO A 570 16.17 13.28 -3.63
N VAL A 571 15.36 13.95 -2.81
CA VAL A 571 14.83 13.32 -1.60
C VAL A 571 13.76 12.30 -1.95
N LEU A 572 12.86 12.63 -2.88
CA LEU A 572 11.85 11.67 -3.30
C LEU A 572 12.49 10.44 -3.93
N THR A 573 13.60 10.62 -4.64
CA THR A 573 14.34 9.47 -5.16
C THR A 573 14.87 8.61 -4.02
N ILE A 574 15.41 9.24 -2.98
CA ILE A 574 15.89 8.49 -1.83
C ILE A 574 14.73 7.82 -1.11
N ALA A 575 13.64 8.55 -0.89
CA ALA A 575 12.48 7.97 -0.24
C ALA A 575 11.89 6.82 -1.05
N ALA A 576 11.88 6.96 -2.39
CA ALA A 576 11.37 5.88 -3.23
C ALA A 576 12.22 4.63 -3.13
N SER A 577 13.54 4.79 -2.90
CA SER A 577 14.41 3.63 -2.83
C SER A 577 14.44 3.02 -1.43
N LEU A 578 14.16 3.81 -0.39
CA LEU A 578 14.05 3.25 0.95
C LEU A 578 12.79 2.40 1.08
N SER A 579 11.65 2.92 0.62
CA SER A 579 10.53 2.07 0.28
C SER A 579 10.93 1.22 -0.91
N PHE A 580 10.17 0.16 -1.17
CA PHE A 580 10.47 -0.71 -2.31
C PHE A 580 11.91 -1.23 -2.20
N LYS A 581 12.78 -0.81 -3.12
CA LYS A 581 14.16 -1.29 -3.10
C LYS A 581 15.04 -0.39 -3.97
N ASP A 582 16.34 -0.51 -3.75
CA ASP A 582 17.34 0.19 -4.54
C ASP A 582 17.49 -0.50 -5.90
N PRO A 583 17.95 0.23 -6.92
CA PRO A 583 18.00 -0.33 -8.27
C PRO A 583 19.30 -1.05 -8.64
N PHE A 584 20.19 -1.31 -7.69
CA PHE A 584 21.45 -1.97 -7.98
C PHE A 584 21.28 -3.48 -7.94
N VAL A 585 21.77 -4.16 -8.96
CA VAL A 585 21.75 -5.61 -9.04
C VAL A 585 23.20 -6.11 -9.09
N ILE A 586 23.40 -7.34 -8.66
CA ILE A 586 24.73 -7.94 -8.64
C ILE A 586 24.67 -9.30 -9.35
N PRO A 587 25.14 -9.38 -10.60
CA PRO A 587 25.16 -10.68 -11.29
C PRO A 587 26.18 -11.61 -10.67
N LEU A 588 26.08 -12.88 -11.05
CA LEU A 588 26.99 -13.89 -10.54
C LEU A 588 28.42 -13.58 -10.95
N GLY A 589 29.29 -13.35 -9.96
CA GLY A 589 30.66 -13.03 -10.27
C GLY A 589 31.66 -12.75 -9.16
N LYS A 590 32.58 -11.78 -9.26
CA LYS A 590 32.69 -10.60 -10.18
C LYS A 590 31.80 -9.48 -9.59
N GLU A 591 31.35 -9.71 -8.35
CA GLU A 591 30.79 -8.62 -7.55
C GLU A 591 31.75 -7.46 -7.42
N LYS A 592 33.04 -7.68 -7.66
CA LYS A 592 34.04 -6.61 -7.51
C LYS A 592 33.85 -5.52 -8.54
N VAL A 593 33.58 -5.88 -9.80
CA VAL A 593 33.37 -4.85 -10.81
C VAL A 593 32.08 -4.09 -10.54
N ALA A 594 31.06 -4.77 -10.03
CA ALA A 594 29.83 -4.07 -9.65
C ALA A 594 30.07 -3.16 -8.44
N ASP A 595 30.94 -3.59 -7.53
CA ASP A 595 31.33 -2.73 -6.41
C ASP A 595 31.99 -1.45 -6.92
N ALA A 596 32.96 -1.59 -7.83
CA ALA A 596 33.67 -0.42 -8.33
C ALA A 596 32.73 0.56 -9.04
N ARG A 597 31.71 0.03 -9.73
CA ARG A 597 30.73 0.89 -10.38
C ARG A 597 29.93 1.69 -9.35
N ARG A 598 29.55 1.05 -8.24
CA ARG A 598 28.78 1.74 -7.22
C ARG A 598 29.57 2.86 -6.57
N LYS A 599 30.84 2.59 -6.22
CA LYS A 599 31.69 3.64 -5.66
C LYS A 599 31.93 4.76 -6.66
N GLU A 600 31.92 4.43 -7.96
CA GLU A 600 32.04 5.46 -8.99
C GLU A 600 30.84 6.40 -8.96
N LEU A 601 29.63 5.83 -8.86
CA LEU A 601 28.42 6.65 -8.80
C LEU A 601 28.32 7.45 -7.52
N ALA A 602 29.00 7.01 -6.45
CA ALA A 602 28.98 7.73 -5.18
C ALA A 602 29.79 9.03 -5.25
N LYS A 603 30.77 9.11 -6.14
CA LYS A 603 31.69 10.24 -6.22
C LYS A 603 32.38 10.37 -4.86
N ASP A 604 32.32 11.53 -4.20
CA ASP A 604 32.94 11.72 -2.90
C ASP A 604 31.91 11.95 -1.80
N THR A 605 30.68 11.46 -1.98
CA THR A 605 29.61 11.77 -1.05
C THR A 605 29.68 10.95 0.23
N LYS A 606 30.30 9.76 0.18
CA LYS A 606 30.26 8.79 1.27
C LYS A 606 28.82 8.49 1.67
N SER A 607 27.95 8.35 0.66
CA SER A 607 26.52 8.25 0.87
C SER A 607 25.95 7.16 -0.01
N ASP A 608 25.36 6.14 0.59
CA ASP A 608 24.63 5.14 -0.18
C ASP A 608 23.38 5.74 -0.81
N HIS A 609 22.79 6.75 -0.18
CA HIS A 609 21.55 7.32 -0.68
C HIS A 609 21.80 8.33 -1.80
N LEU A 610 22.87 9.13 -1.68
CA LEU A 610 23.26 9.98 -2.80
C LEU A 610 23.78 9.18 -3.99
N THR A 611 24.25 7.94 -3.74
CA THR A 611 24.61 7.06 -4.84
C THR A 611 23.40 6.70 -5.69
N VAL A 612 22.28 6.37 -5.04
CA VAL A 612 21.05 6.07 -5.75
C VAL A 612 20.58 7.29 -6.53
N VAL A 613 20.72 8.49 -5.95
CA VAL A 613 20.35 9.71 -6.64
C VAL A 613 21.16 9.87 -7.92
N ASN A 614 22.48 9.71 -7.81
CA ASN A 614 23.33 9.84 -9.00
C ASN A 614 23.04 8.75 -10.02
N ALA A 615 22.79 7.52 -9.55
CA ALA A 615 22.41 6.45 -10.46
C ALA A 615 21.06 6.73 -11.13
N PHE A 616 20.15 7.40 -10.41
CA PHE A 616 18.85 7.71 -10.98
C PHE A 616 18.96 8.87 -11.97
N LYS A 617 19.71 9.91 -11.62
CA LYS A 617 19.85 11.06 -12.51
C LYS A 617 20.53 10.66 -13.81
N GLY A 618 21.59 9.84 -13.72
CA GLY A 618 22.25 9.37 -14.92
C GLY A 618 21.35 8.51 -15.79
N TRP A 619 20.36 7.85 -15.17
CA TRP A 619 19.43 7.04 -15.93
C TRP A 619 18.46 7.90 -16.73
N GLU A 620 17.91 8.94 -16.10
CA GLU A 620 17.03 9.86 -16.81
C GLU A 620 17.74 10.51 -17.98
N LYS A 621 19.00 10.89 -17.80
CA LYS A 621 19.75 11.49 -18.91
C LYS A 621 20.05 10.47 -19.99
N ALA A 622 20.30 9.21 -19.60
CA ALA A 622 20.51 8.16 -20.59
C ALA A 622 19.26 7.92 -21.41
N LYS A 623 18.08 8.03 -20.78
CA LYS A 623 16.83 7.87 -21.51
C LYS A 623 16.64 8.95 -22.56
N GLN A 624 17.06 10.19 -22.26
CA GLN A 624 16.95 11.26 -23.23
C GLN A 624 17.82 11.02 -24.45
N ARG A 625 18.94 10.29 -24.27
CA ARG A 625 19.82 10.02 -25.40
C ARG A 625 19.22 8.98 -26.34
N GLY A 626 18.67 7.91 -25.79
CA GLY A 626 18.10 6.86 -26.61
C GLY A 626 17.89 5.59 -25.80
N PHE A 627 17.15 4.67 -26.41
CA PHE A 627 16.82 3.42 -25.71
C PHE A 627 18.02 2.50 -25.62
N ARG A 628 18.78 2.35 -26.71
CA ARG A 628 19.97 1.51 -26.69
C ARG A 628 21.00 2.06 -25.71
N TYR A 629 21.13 3.39 -25.65
CA TYR A 629 22.10 3.99 -24.74
C TYR A 629 21.61 3.95 -23.30
N GLU A 630 20.29 3.95 -23.10
CA GLU A 630 19.76 3.72 -21.76
C GLU A 630 20.10 2.33 -21.26
N LYS A 631 19.97 1.33 -22.13
CA LYS A 631 20.34 -0.03 -21.74
C LYS A 631 21.84 -0.14 -21.48
N ASP A 632 22.66 0.53 -22.30
CA ASP A 632 24.10 0.50 -22.07
C ASP A 632 24.45 1.10 -20.71
N TYR A 633 23.70 2.11 -20.28
CA TYR A 633 23.94 2.71 -18.97
C TYR A 633 23.59 1.74 -17.85
N CYS A 634 22.45 1.06 -17.96
CA CYS A 634 22.03 0.13 -16.91
C CYS A 634 22.95 -1.09 -16.85
N TRP A 635 23.39 -1.57 -18.00
CA TRP A 635 24.29 -2.73 -18.01
C TRP A 635 25.66 -2.36 -17.46
N GLU A 636 26.17 -1.17 -17.80
CA GLU A 636 27.51 -0.79 -17.36
C GLU A 636 27.57 -0.58 -15.85
N TYR A 637 26.50 -0.04 -15.27
CA TYR A 637 26.46 0.24 -13.83
C TYR A 637 25.66 -0.78 -13.06
N PHE A 638 25.23 -1.87 -13.71
CA PHE A 638 24.51 -2.96 -13.05
C PHE A 638 23.24 -2.44 -12.37
N LEU A 639 22.47 -1.67 -13.13
CA LEU A 639 21.23 -1.08 -12.65
C LEU A 639 20.04 -1.75 -13.32
N SER A 640 18.95 -1.86 -12.56
CA SER A 640 17.72 -2.47 -13.05
C SER A 640 16.81 -1.39 -13.58
N SER A 641 16.58 -1.39 -14.90
CA SER A 641 15.66 -0.43 -15.50
C SER A 641 14.25 -0.60 -14.97
N ASN A 642 13.84 -1.85 -14.70
CA ASN A 642 12.52 -2.09 -14.14
C ASN A 642 12.36 -1.42 -12.79
N THR A 643 13.33 -1.61 -11.90
CA THR A 643 13.27 -0.97 -10.58
C THR A 643 13.32 0.55 -10.72
N LEU A 644 14.18 1.06 -11.61
CA LEU A 644 14.27 2.50 -11.80
C LEU A 644 12.94 3.09 -12.24
N GLN A 645 12.26 2.44 -13.20
CA GLN A 645 10.96 2.93 -13.63
C GLN A 645 9.96 2.89 -12.49
N MET A 646 10.01 1.84 -11.67
CA MET A 646 9.13 1.77 -10.51
C MET A 646 9.41 2.91 -9.53
N LEU A 647 10.70 3.18 -9.28
CA LEU A 647 11.05 4.30 -8.41
C LEU A 647 10.53 5.62 -8.96
N HIS A 648 10.58 5.79 -10.29
CA HIS A 648 10.06 7.00 -10.90
C HIS A 648 8.57 7.14 -10.66
N ASN A 649 7.83 6.03 -10.68
CA ASN A 649 6.39 6.09 -10.41
C ASN A 649 6.12 6.48 -8.97
N MET A 650 6.92 5.97 -8.03
CA MET A 650 6.68 6.27 -6.62
C MET A 650 6.98 7.73 -6.29
N LYS A 651 7.93 8.34 -7.00
CA LYS A 651 8.23 9.74 -6.78
C LYS A 651 7.02 10.62 -7.07
N GLY A 652 6.28 10.30 -8.14
CA GLY A 652 5.08 11.04 -8.45
C GLY A 652 4.00 10.88 -7.38
N GLN A 653 3.91 9.69 -6.79
CA GLN A 653 2.92 9.48 -5.75
C GLN A 653 3.27 10.23 -4.48
N PHE A 654 4.57 10.33 -4.16
CA PHE A 654 4.98 11.11 -2.99
C PHE A 654 4.68 12.59 -3.18
N ALA A 655 4.91 13.12 -4.38
CA ALA A 655 4.61 14.52 -4.64
C ALA A 655 3.11 14.80 -4.52
N GLU A 656 2.28 13.84 -4.95
CA GLU A 656 0.84 14.00 -4.79
C GLU A 656 0.46 14.05 -3.32
N HIS A 657 1.06 13.19 -2.50
CA HIS A 657 0.81 13.23 -1.07
C HIS A 657 1.16 14.59 -0.49
N LEU A 658 2.32 15.14 -0.86
CA LEU A 658 2.71 16.45 -0.39
C LEU A 658 1.84 17.55 -0.99
N LEU A 659 1.31 17.33 -2.19
CA LEU A 659 0.41 18.31 -2.79
C LEU A 659 -0.90 18.37 -2.02
N GLY A 660 -1.50 17.21 -1.75
CA GLY A 660 -2.72 17.17 -0.96
C GLY A 660 -2.53 17.59 0.49
N ALA A 661 -1.30 17.56 0.98
CA ALA A 661 -0.98 18.04 2.32
C ALA A 661 -0.59 19.51 2.35
N GLY A 662 -0.40 20.13 1.20
CA GLY A 662 -0.17 21.56 1.13
C GLY A 662 1.28 22.00 1.15
N PHE A 663 2.23 21.09 1.01
CA PHE A 663 3.64 21.43 1.12
C PHE A 663 4.34 21.63 -0.22
N VAL A 664 3.71 21.23 -1.34
CA VAL A 664 4.19 21.52 -2.67
C VAL A 664 3.04 22.05 -3.50
N SER A 665 3.36 22.63 -4.65
CA SER A 665 2.38 23.31 -5.48
C SER A 665 1.98 22.51 -6.72
N SER A 666 2.62 21.37 -6.97
CA SER A 666 2.25 20.55 -8.12
C SER A 666 2.62 19.10 -7.84
N ARG A 667 2.15 18.22 -8.71
CA ARG A 667 2.43 16.79 -8.63
C ARG A 667 3.79 16.42 -9.20
N ASN A 668 4.52 17.37 -9.77
CA ASN A 668 5.77 17.08 -10.44
C ASN A 668 6.92 17.10 -9.43
N PRO A 669 7.63 15.99 -9.24
CA PRO A 669 8.76 16.00 -8.29
C PRO A 669 9.89 16.94 -8.69
N GLN A 670 9.94 17.36 -9.96
CA GLN A 670 11.01 18.23 -10.44
C GLN A 670 10.53 19.66 -10.68
N ASP A 671 9.42 20.06 -10.03
CA ASP A 671 8.95 21.42 -10.10
C ASP A 671 10.05 22.38 -9.63
N PRO A 672 10.36 23.42 -10.41
CA PRO A 672 11.39 24.37 -9.98
C PRO A 672 11.11 25.02 -8.63
N GLU A 673 9.83 25.20 -8.28
CA GLU A 673 9.47 25.81 -7.01
C GLU A 673 9.85 24.93 -5.81
N SER A 674 10.18 23.67 -6.02
CA SER A 674 10.51 22.75 -4.94
C SER A 674 11.93 22.21 -5.02
N ASN A 675 12.78 22.79 -5.89
CA ASN A 675 14.09 22.21 -6.14
C ASN A 675 15.19 23.27 -6.20
N ILE A 676 15.02 24.37 -5.46
CA ILE A 676 16.03 25.42 -5.47
C ILE A 676 17.33 24.93 -4.84
N ASN A 677 17.25 24.01 -3.87
CA ASN A 677 18.42 23.49 -3.19
C ASN A 677 18.73 22.04 -3.56
N SER A 678 18.22 21.56 -4.69
CA SER A 678 18.38 20.15 -5.04
C SER A 678 19.81 19.79 -5.43
N ASP A 679 20.70 20.77 -5.59
CA ASP A 679 22.09 20.51 -5.93
C ASP A 679 23.03 20.68 -4.75
N ASN A 680 22.50 20.80 -3.53
CA ASN A 680 23.31 21.02 -2.33
C ASN A 680 23.36 19.71 -1.55
N GLU A 681 24.54 19.09 -1.52
CA GLU A 681 24.68 17.79 -0.84
C GLU A 681 24.47 17.93 0.66
N LYS A 682 24.85 19.06 1.25
CA LYS A 682 24.66 19.22 2.69
C LYS A 682 23.20 19.29 3.07
N ILE A 683 22.41 20.08 2.33
CA ILE A 683 20.99 20.20 2.64
C ILE A 683 20.28 18.87 2.43
N ILE A 684 20.65 18.14 1.37
CA ILE A 684 20.04 16.84 1.12
C ILE A 684 20.37 15.88 2.26
N LYS A 685 21.64 15.83 2.67
CA LYS A 685 22.04 14.93 3.74
C LYS A 685 21.35 15.27 5.06
N ALA A 686 21.06 16.55 5.28
CA ALA A 686 20.30 16.93 6.47
C ALA A 686 18.87 16.38 6.41
N VAL A 687 18.23 16.48 5.24
CA VAL A 687 16.88 15.94 5.08
C VAL A 687 16.90 14.42 5.27
N ILE A 688 17.91 13.76 4.73
CA ILE A 688 18.09 12.32 5.00
C ILE A 688 18.17 12.08 6.50
N CYS A 689 18.98 12.88 7.20
CA CYS A 689 19.11 12.73 8.65
C CYS A 689 17.79 13.03 9.35
N ALA A 690 17.04 14.01 8.84
CA ALA A 690 15.72 14.31 9.41
C ALA A 690 14.80 13.10 9.33
N GLY A 691 14.98 12.26 8.31
CA GLY A 691 14.12 11.11 8.13
C GLY A 691 14.56 9.85 8.87
N LEU A 692 15.87 9.63 8.98
CA LEU A 692 16.38 8.38 9.50
C LEU A 692 16.67 8.39 11.00
N TYR A 693 16.84 9.55 11.61
CA TYR A 693 17.04 9.62 13.06
C TYR A 693 15.85 8.91 13.74
N PRO A 694 16.12 8.08 14.76
CA PRO A 694 17.37 7.88 15.51
C PRO A 694 18.29 6.75 15.02
N LYS A 695 18.16 6.31 13.77
CA LYS A 695 19.02 5.24 13.26
C LYS A 695 20.40 5.83 12.95
N VAL A 696 21.17 6.05 14.02
CA VAL A 696 22.46 6.72 13.96
C VAL A 696 23.55 5.72 14.32
N ALA A 697 24.71 5.88 13.68
CA ALA A 697 25.88 5.05 13.94
C ALA A 697 27.09 5.95 14.20
N LYS A 698 27.93 5.53 15.15
CA LYS A 698 29.15 6.26 15.46
C LYS A 698 30.37 5.53 14.90
N ILE A 699 31.29 6.29 14.32
CA ILE A 699 32.50 5.75 13.71
C ILE A 699 33.67 5.97 14.67
N ARG A 700 34.46 4.92 14.89
CA ARG A 700 35.70 5.01 15.64
C ARG A 700 36.86 4.58 14.74
N LEU A 701 38.00 5.25 14.89
CA LEU A 701 39.14 5.07 14.00
C LEU A 701 40.34 4.57 14.79
N ASN A 702 40.99 3.52 14.27
CA ASN A 702 42.24 2.98 14.82
C ASN A 702 42.17 2.73 16.33
N MET A 709 41.45 0.46 9.84
CA MET A 709 40.87 0.11 11.14
C MET A 709 39.75 1.07 11.51
N VAL A 710 38.51 0.67 11.23
CA VAL A 710 37.32 1.47 11.50
C VAL A 710 36.28 0.59 12.15
N LYS A 711 35.72 1.06 13.27
CA LYS A 711 34.65 0.38 13.98
C LYS A 711 33.40 1.24 14.00
N VAL A 712 32.24 0.60 14.05
CA VAL A 712 30.95 1.28 13.98
C VAL A 712 30.06 0.79 15.11
N TYR A 713 29.33 1.72 15.73
CA TYR A 713 28.49 1.43 16.89
C TYR A 713 27.14 2.13 16.71
N THR A 714 26.08 1.57 17.33
CA THR A 714 24.74 2.10 17.11
C THR A 714 23.89 2.20 18.38
N LYS A 715 24.51 2.29 19.56
CA LYS A 715 23.80 2.46 20.83
C LYS A 715 22.88 1.28 21.15
N THR A 716 21.96 0.93 20.25
CA THR A 716 21.03 -0.16 20.54
C THR A 716 21.63 -1.52 20.24
N ASP A 717 22.35 -1.66 19.13
CA ASP A 717 22.96 -2.93 18.76
C ASP A 717 24.41 -3.05 19.23
N GLY A 718 25.02 -1.97 19.69
CA GLY A 718 26.43 -2.01 20.04
C GLY A 718 27.27 -1.99 18.79
N VAL A 719 28.29 -2.85 18.75
CA VAL A 719 29.17 -2.91 17.60
C VAL A 719 28.41 -3.46 16.40
N VAL A 720 28.46 -2.73 15.29
CA VAL A 720 27.86 -3.17 14.05
C VAL A 720 28.95 -3.23 12.98
N ALA A 721 28.56 -3.60 11.76
CA ALA A 721 29.48 -3.58 10.63
C ALA A 721 28.73 -3.04 9.43
N ILE A 722 29.48 -2.76 8.36
CA ILE A 722 28.92 -2.15 7.15
C ILE A 722 28.72 -3.23 6.11
N HIS A 723 27.50 -3.30 5.56
CA HIS A 723 27.17 -4.31 4.56
C HIS A 723 28.08 -4.17 3.36
N PRO A 724 28.60 -5.28 2.81
CA PRO A 724 29.57 -5.18 1.71
C PRO A 724 29.02 -4.48 0.47
N LYS A 725 27.69 -4.42 0.30
CA LYS A 725 27.13 -3.70 -0.84
C LYS A 725 27.28 -2.20 -0.68
N SER A 726 27.35 -1.71 0.56
CA SER A 726 27.47 -0.27 0.78
C SER A 726 28.74 0.27 0.15
N VAL A 727 28.74 1.58 -0.14
CA VAL A 727 29.93 2.23 -0.67
C VAL A 727 30.94 2.56 0.41
N ASN A 728 30.55 2.48 1.68
CA ASN A 728 31.42 2.85 2.79
C ASN A 728 32.07 1.65 3.48
N VAL A 729 32.16 0.51 2.81
CA VAL A 729 32.75 -0.68 3.45
C VAL A 729 34.24 -0.49 3.67
N GLU A 730 34.98 -0.25 2.58
CA GLU A 730 36.42 -0.08 2.64
C GLU A 730 36.84 1.34 3.00
N GLN A 731 35.89 2.20 3.38
CA GLN A 731 36.22 3.58 3.68
C GLN A 731 36.93 3.69 5.02
N THR A 732 38.08 4.37 5.01
CA THR A 732 38.82 4.69 6.23
C THR A 732 39.01 6.19 6.42
N GLU A 733 38.53 7.01 5.48
CA GLU A 733 38.66 8.47 5.55
C GLU A 733 37.26 9.06 5.58
N PHE A 734 36.87 9.58 6.74
CA PHE A 734 35.54 10.17 6.94
C PHE A 734 35.69 11.61 7.40
N ASN A 735 34.96 12.52 6.76
CA ASN A 735 34.93 13.90 7.23
C ASN A 735 34.25 14.00 8.59
N TYR A 736 33.31 13.09 8.88
CA TYR A 736 32.59 13.08 10.14
C TYR A 736 32.54 11.65 10.67
N ASN A 737 32.42 11.53 12.00
CA ASN A 737 32.40 10.24 12.67
C ASN A 737 30.99 9.75 12.95
N TRP A 738 30.05 10.03 12.06
CA TRP A 738 28.65 9.67 12.28
C TRP A 738 28.02 9.22 10.97
N LEU A 739 27.22 8.15 11.05
CA LEU A 739 26.44 7.67 9.94
C LEU A 739 24.97 7.60 10.34
N ILE A 740 24.10 7.83 9.37
CA ILE A 740 22.68 7.49 9.48
C ILE A 740 22.45 6.29 8.58
N TYR A 741 21.45 5.48 8.95
CA TYR A 741 21.14 4.30 8.16
C TYR A 741 19.63 4.09 8.16
N HIS A 742 19.17 3.26 7.23
CA HIS A 742 17.76 2.89 7.15
C HIS A 742 17.53 1.42 7.47
N LEU A 743 18.24 0.52 6.79
CA LEU A 743 18.02 -0.91 6.91
C LEU A 743 19.12 -1.56 7.72
N LYS A 744 18.74 -2.41 8.65
CA LYS A 744 19.65 -3.23 9.43
C LYS A 744 19.39 -4.70 9.12
N MET A 745 20.46 -5.45 8.89
CA MET A 745 20.37 -6.88 8.66
C MET A 745 21.15 -7.62 9.75
N ARG A 746 20.47 -8.54 10.42
CA ARG A 746 21.03 -9.31 11.52
C ARG A 746 21.27 -10.74 11.07
N THR A 747 22.54 -11.10 10.88
CA THR A 747 22.95 -12.46 10.56
C THR A 747 24.04 -12.87 11.55
N SER A 748 23.65 -12.98 12.83
CA SER A 748 24.58 -13.18 13.95
C SER A 748 25.54 -12.00 14.07
N SER A 749 25.48 -11.07 13.13
CA SER A 749 26.22 -9.82 13.14
C SER A 749 25.33 -8.76 12.53
N ILE A 750 25.39 -7.54 13.05
CA ILE A 750 24.51 -6.47 12.61
C ILE A 750 25.21 -5.71 11.49
N TYR A 751 24.62 -5.72 10.30
CA TYR A 751 25.14 -5.01 9.15
C TYR A 751 24.22 -3.86 8.78
N LEU A 752 24.78 -2.67 8.61
CA LEU A 752 24.03 -1.52 8.12
C LEU A 752 24.00 -1.59 6.59
N TYR A 753 22.81 -1.76 6.02
CA TYR A 753 22.69 -1.98 4.59
C TYR A 753 23.03 -0.72 3.80
N ASP A 754 22.49 0.42 4.22
CA ASP A 754 22.67 1.68 3.52
C ASP A 754 22.97 2.76 4.54
N CYS A 755 24.05 3.51 4.32
CA CYS A 755 24.44 4.54 5.27
C CYS A 755 25.12 5.70 4.55
N THR A 756 25.03 6.88 5.16
CA THR A 756 25.73 8.07 4.70
C THR A 756 26.36 8.77 5.89
N GLU A 757 27.58 9.26 5.72
CA GLU A 757 28.19 10.07 6.76
C GLU A 757 27.42 11.37 6.90
N VAL A 758 27.29 11.85 8.13
CA VAL A 758 26.47 13.02 8.42
C VAL A 758 27.18 13.87 9.47
N SER A 759 26.99 15.18 9.36
CA SER A 759 27.58 16.11 10.31
C SER A 759 26.84 16.01 11.65
N PRO A 760 27.56 16.17 12.77
CA PRO A 760 26.88 16.14 14.08
C PRO A 760 25.85 17.25 14.25
N TYR A 761 25.88 18.28 13.41
CA TYR A 761 24.93 19.38 13.52
C TYR A 761 23.57 19.02 12.92
N CYS A 762 23.54 18.10 11.95
CA CYS A 762 22.26 17.55 11.52
C CYS A 762 21.63 16.73 12.62
N LEU A 763 22.42 15.90 13.30
CA LEU A 763 21.92 15.14 14.44
C LEU A 763 21.52 16.07 15.58
N LEU A 764 22.20 17.20 15.72
CA LEU A 764 21.88 18.13 16.79
C LEU A 764 20.49 18.73 16.61
N PHE A 765 20.14 19.08 15.36
CA PHE A 765 18.86 19.75 15.13
C PHE A 765 17.69 18.77 15.09
N PHE A 766 17.85 17.66 14.37
CA PHE A 766 16.76 16.71 14.18
C PHE A 766 16.78 15.57 15.18
N GLY A 767 17.62 15.65 16.20
CA GLY A 767 17.76 14.59 17.18
C GLY A 767 16.80 14.70 18.33
N GLY A 768 17.22 14.17 19.48
CA GLY A 768 16.43 14.17 20.70
C GLY A 768 16.88 15.25 21.67
N ASP A 769 16.91 14.89 22.95
CA ASP A 769 17.23 15.85 23.99
C ASP A 769 18.63 16.42 23.81
N ILE A 770 18.78 17.69 24.16
CA ILE A 770 20.04 18.41 24.04
C ILE A 770 20.53 18.76 25.44
N SER A 771 21.73 18.31 25.77
CA SER A 771 22.37 18.64 27.04
C SER A 771 23.77 19.16 26.77
N ILE A 772 24.22 20.06 27.64
CA ILE A 772 25.57 20.61 27.59
C ILE A 772 26.37 19.97 28.72
N GLN A 773 27.51 19.38 28.38
CA GLN A 773 28.28 18.58 29.32
C GLN A 773 29.54 19.33 29.76
N LYS A 774 29.92 19.11 31.00
CA LYS A 774 31.13 19.70 31.59
C LYS A 774 31.14 21.23 31.49
N GLN A 778 35.98 20.43 27.98
CA GLN A 778 34.99 20.79 28.98
C GLN A 778 33.88 21.64 28.37
N GLU A 779 33.75 21.58 27.04
CA GLU A 779 32.74 22.34 26.30
C GLU A 779 32.21 21.44 25.18
N THR A 780 31.28 20.54 25.54
CA THR A 780 30.71 19.60 24.60
C THR A 780 29.19 19.71 24.63
N ILE A 781 28.59 19.28 23.52
CA ILE A 781 27.14 19.18 23.37
C ILE A 781 26.78 17.72 23.19
N ALA A 782 25.67 17.30 23.81
CA ALA A 782 25.20 15.92 23.72
C ALA A 782 23.81 15.88 23.10
N VAL A 783 23.58 14.86 22.28
CA VAL A 783 22.28 14.59 21.69
C VAL A 783 21.85 13.20 22.16
N ASP A 784 20.77 13.15 22.94
CA ASP A 784 20.28 11.89 23.50
C ASP A 784 21.39 11.15 24.26
N GLU A 785 22.20 11.92 24.99
CA GLU A 785 23.26 11.43 25.86
C GLU A 785 24.45 10.83 25.10
N TRP A 786 24.20 9.90 24.18
CA TRP A 786 25.30 9.14 23.60
C TRP A 786 25.96 9.85 22.42
N ILE A 787 25.24 10.72 21.72
CA ILE A 787 25.82 11.49 20.61
C ILE A 787 26.49 12.71 21.21
N ILE A 788 27.81 12.66 21.36
CA ILE A 788 28.59 13.71 22.00
C ILE A 788 29.63 14.22 21.02
N PHE A 789 29.81 15.54 20.99
CA PHE A 789 30.82 16.15 20.15
C PHE A 789 31.16 17.53 20.71
N GLN A 790 32.41 17.93 20.55
CA GLN A 790 32.85 19.23 21.02
C GLN A 790 32.26 20.33 20.15
N SER A 791 31.62 21.30 20.80
CA SER A 791 30.96 22.41 20.11
C SER A 791 30.68 23.54 21.08
N PRO A 792 30.68 24.80 20.63
CA PRO A 792 30.36 25.91 21.54
C PRO A 792 28.95 25.74 22.12
N ALA A 793 28.83 26.00 23.42
CA ALA A 793 27.60 25.70 24.14
C ALA A 793 26.43 26.52 23.62
N ARG A 794 26.69 27.70 23.07
CA ARG A 794 25.60 28.55 22.59
C ARG A 794 24.91 27.98 21.37
N ILE A 795 25.57 27.08 20.64
CA ILE A 795 24.92 26.39 19.52
C ILE A 795 23.72 25.60 20.03
N ALA A 796 23.85 25.01 21.22
CA ALA A 796 22.74 24.27 21.82
C ALA A 796 21.56 25.19 22.10
N HIS A 797 21.84 26.42 22.55
CA HIS A 797 20.76 27.38 22.76
C HIS A 797 20.11 27.78 21.43
N LEU A 798 20.93 27.92 20.38
CA LEU A 798 20.40 28.27 19.07
C LEU A 798 19.47 27.18 18.54
N VAL A 799 19.86 25.92 18.71
CA VAL A 799 19.05 24.81 18.19
C VAL A 799 17.72 24.72 18.93
N LYS A 800 17.74 24.95 20.25
CA LYS A 800 16.50 24.95 21.02
C LYS A 800 15.54 26.02 20.51
N GLU A 801 16.06 27.19 20.14
CA GLU A 801 15.19 28.26 19.66
C GLU A 801 14.74 28.02 18.22
N LEU A 802 15.63 27.44 17.39
CA LEU A 802 15.25 27.17 16.00
C LEU A 802 14.24 26.03 15.92
N ARG A 803 14.39 25.01 16.77
CA ARG A 803 13.38 23.97 16.85
C ARG A 803 12.01 24.54 17.19
N LYS A 804 11.98 25.51 18.11
CA LYS A 804 10.73 26.13 18.51
C LYS A 804 10.12 26.93 17.36
N GLU A 805 10.95 27.69 16.63
CA GLU A 805 10.45 28.40 15.46
C GLU A 805 9.93 27.44 14.40
N LEU A 806 10.60 26.29 14.25
CA LEU A 806 10.14 25.29 13.29
C LEU A 806 8.77 24.74 13.70
N ASP A 807 8.54 24.55 14.99
CA ASP A 807 7.24 24.10 15.46
C ASP A 807 6.17 25.15 15.18
N ILE A 808 6.48 26.42 15.40
CA ILE A 808 5.53 27.49 15.12
C ILE A 808 5.20 27.52 13.63
N LEU A 809 6.21 27.33 12.78
CA LEU A 809 5.98 27.28 11.34
C LEU A 809 5.03 26.14 11.00
N LEU A 810 5.27 24.95 11.55
CA LEU A 810 4.41 23.81 11.25
C LEU A 810 3.02 23.96 11.86
N GLN A 811 2.92 24.63 13.02
CA GLN A 811 1.62 24.86 13.63
C GLN A 811 0.75 25.73 12.74
N GLU A 812 1.31 26.85 12.25
CA GLU A 812 0.57 27.70 11.33
C GLU A 812 0.21 26.98 10.04
N LYS A 813 0.96 25.95 9.67
CA LYS A 813 0.67 25.13 8.51
C LYS A 813 -0.46 24.14 8.75
N ILE A 814 -0.92 23.98 10.00
CA ILE A 814 -1.91 22.94 10.30
C ILE A 814 -3.29 23.35 9.79
N GLU A 815 -3.70 24.58 10.06
CA GLU A 815 -5.03 25.05 9.68
C GLU A 815 -5.23 25.00 8.18
N SER A 816 -4.53 25.84 7.44
CA SER A 816 -4.61 25.86 5.98
C SER A 816 -3.19 25.78 5.42
N PRO A 817 -2.75 24.59 5.01
CA PRO A 817 -1.35 24.42 4.60
C PRO A 817 -1.11 24.95 3.19
N HIS A 818 -0.11 25.80 3.05
CA HIS A 818 0.36 26.31 1.79
C HIS A 818 1.88 26.17 1.71
N PRO A 819 2.43 25.92 0.53
CA PRO A 819 3.88 25.73 0.42
C PRO A 819 4.64 27.00 0.78
N VAL A 820 5.86 26.79 1.28
CA VAL A 820 6.75 27.91 1.58
C VAL A 820 7.19 28.55 0.27
N ASP A 821 7.04 29.87 0.19
CA ASP A 821 7.44 30.63 -1.00
C ASP A 821 8.92 30.95 -0.87
N TRP A 822 9.77 30.10 -1.47
CA TRP A 822 11.22 30.28 -1.41
C TRP A 822 11.73 31.37 -2.35
N LYS A 823 10.84 32.07 -3.04
CA LYS A 823 11.21 33.26 -3.80
C LYS A 823 10.96 34.54 -3.02
N ASP A 824 10.27 34.47 -1.89
CA ASP A 824 10.00 35.66 -1.09
C ASP A 824 11.27 36.17 -0.41
N THR A 825 12.10 35.25 0.10
CA THR A 825 13.34 35.56 0.80
C THR A 825 13.10 36.37 2.07
N LYS A 826 12.37 37.48 1.96
CA LYS A 826 12.07 38.33 3.10
C LYS A 826 10.71 37.96 3.72
N SER A 827 10.61 36.71 4.16
CA SER A 827 9.42 36.21 4.84
C SER A 827 9.85 35.43 6.07
N ARG A 828 8.93 35.36 7.04
CA ARG A 828 9.26 34.75 8.33
C ARG A 828 9.56 33.25 8.18
N ASP A 829 8.69 32.53 7.47
CA ASP A 829 8.90 31.09 7.30
C ASP A 829 10.18 30.80 6.54
N CYS A 830 10.51 31.62 5.54
CA CYS A 830 11.75 31.42 4.80
C CYS A 830 12.97 31.77 5.66
N ALA A 831 12.85 32.78 6.53
CA ALA A 831 13.96 33.14 7.40
C ALA A 831 14.25 32.03 8.40
N VAL A 832 13.20 31.36 8.89
CA VAL A 832 13.39 30.25 9.83
C VAL A 832 14.10 29.09 9.14
N LEU A 833 13.63 28.70 7.96
CA LEU A 833 14.24 27.59 7.24
C LEU A 833 15.66 27.94 6.80
N SER A 834 15.90 29.20 6.43
CA SER A 834 17.24 29.61 6.06
C SER A 834 18.19 29.56 7.26
N ALA A 835 17.70 29.95 8.44
CA ALA A 835 18.52 29.87 9.64
C ALA A 835 18.90 28.43 9.95
N ILE A 836 17.95 27.50 9.79
CA ILE A 836 18.26 26.08 9.98
C ILE A 836 19.26 25.61 8.93
N ILE A 837 19.07 26.01 7.68
CA ILE A 837 19.97 25.62 6.61
C ILE A 837 21.37 26.18 6.87
N ASP A 838 21.45 27.43 7.35
CA ASP A 838 22.74 28.02 7.67
C ASP A 838 23.46 27.22 8.75
N LEU A 839 22.71 26.76 9.76
CA LEU A 839 23.31 25.94 10.81
C LEU A 839 23.81 24.62 10.26
N ILE A 840 23.09 24.05 9.29
CA ILE A 840 23.52 22.77 8.72
C ILE A 840 24.79 22.96 7.89
N LYS A 841 24.92 24.10 7.21
CA LYS A 841 26.06 24.31 6.33
C LYS A 841 27.35 24.51 7.11
N THR A 842 27.29 25.26 8.21
CA THR A 842 28.48 25.62 8.97
C THR A 842 28.27 25.31 10.44
N GLN A 843 29.34 24.87 11.10
CA GLN A 843 29.31 24.56 12.53
C GLN A 843 28.81 25.75 13.36
PB ADP B . -19.34 -9.52 -5.28
O1B ADP B . -19.24 -8.15 -4.64
O2B ADP B . -20.32 -10.45 -4.60
O3B ADP B . -18.02 -10.16 -5.64
PA ADP B . -19.81 -7.88 -7.54
O1A ADP B . -20.89 -6.91 -7.13
O2A ADP B . -18.36 -7.45 -7.50
O3A ADP B . -20.03 -9.25 -6.71
O5' ADP B . -20.14 -8.42 -9.01
C5' ADP B . -21.43 -8.18 -9.58
C4' ADP B . -21.60 -9.03 -10.82
O4' ADP B . -21.79 -8.20 -11.95
C3' ADP B . -20.38 -9.91 -11.10
O3' ADP B . -20.62 -11.27 -10.71
C2' ADP B . -20.16 -9.81 -12.59
O2' ADP B . -20.66 -10.99 -13.24
C1' ADP B . -20.97 -8.61 -13.05
N9 ADP B . -20.00 -7.53 -13.35
C8 ADP B . -19.47 -6.69 -12.44
N7 ADP B . -18.61 -5.82 -13.03
C5 ADP B . -18.60 -6.09 -14.35
C6 ADP B . -17.91 -5.55 -15.54
N6 ADP B . -17.05 -4.51 -15.44
N1 ADP B . -18.17 -6.13 -16.73
C2 ADP B . -19.03 -7.17 -16.85
N3 ADP B . -19.68 -7.71 -15.81
C4 ADP B . -19.52 -7.23 -14.54
AL ALF C . -15.96 -10.36 -4.36
F1 ALF C . -16.01 -8.85 -3.41
F2 ALF C . -15.91 -11.87 -5.31
F3 ALF C . -14.82 -9.61 -5.51
F4 ALF C . -17.12 -11.10 -3.22
#